data_5JMO
#
_entry.id   5JMO
#
_cell.length_a   169.775
_cell.length_b   50.039
_cell.length_c   144.244
_cell.angle_alpha   90.00
_cell.angle_beta   90.00
_cell.angle_gamma   90.00
#
_symmetry.space_group_name_H-M   'P 21 2 21'
#
loop_
_entity.id
_entity.type
_entity.pdbx_description
1 polymer Furin
2 polymer 'camelid VHH fragment'
3 polymer CMK-inhibitor
4 non-polymer 2-acetamido-2-deoxy-beta-D-glucopyranose
5 non-polymer 'CALCIUM ION'
6 non-polymer 'SODIUM ION'
7 water water
#
loop_
_entity_poly.entity_id
_entity_poly.type
_entity_poly.pdbx_seq_one_letter_code
_entity_poly.pdbx_strand_id
1 'polypeptide(L)'
;DVYQEPTDPKFPQQWYLSGVTQRDLNVKAAWAQGYTGHGIVVSILDDGIEKNHPDLAGNYDPGASFDVNDQDPDPQPRYT
QMNDNRHGTRCAGEVAAVANNGVCGVGVAYNARIGGVRMLDGEVTDAVEARSLGLNPNHIHIYSASWGPEDDGKTVDGPA
RLAEEAFFRGVSQGRGGLGSIFVWASGNGGREHDSCNCDGYTNSIYTLSISSATQFGNVPWYSEACSSTLATTYSSGNQN
EKQIVTTDLRQKCTESHTGTSASAPLAAGIIALTLEANKNLTWRDMQHLVVQTSKPAHLNANDWATNGVGRKVSHSYGYG
LLDAGAMVALAQNWTTVAPQRKCIIDILTEPKDIGKRLEVRKTVTACLGEPNHITRLEHAQARLTLSYNRRGDLAIHLVS
PMGTRSTLLAARPHDYSADGFNDWAFMTTHSWDEDPSGEWVLEIENTSEANNYGTLTKFTLVLYGTASGSLVPRGSHHHH
HH
;
A,B
2 'polypeptide(L)'
;QVQLQESGGGLVQPGGSLTLSCAASGFTFSSYSMYWVRQAPGKGLEWVSSINRVGSNTDYADSVKGRFTISRDNAKNTLY
LQMNSLKSEDTALYYCAVGMYAAPPWRGQGTQVTVSS
;
C,D
3 'polypeptide(L)' (DKA)RVK(AR7)(0QE) G,H
#
# COMPACT_ATOMS: atom_id res chain seq x y z
N TYR A 3 23.67 22.89 -36.75
CA TYR A 3 24.37 22.45 -35.55
C TYR A 3 25.61 23.28 -35.25
N GLN A 4 25.70 23.71 -34.00
CA GLN A 4 26.88 24.37 -33.48
C GLN A 4 27.23 23.68 -32.17
N GLU A 5 28.50 23.36 -31.96
CA GLU A 5 28.85 22.74 -30.69
C GLU A 5 28.62 23.74 -29.56
N PRO A 6 28.20 23.24 -28.38
CA PRO A 6 27.84 24.08 -27.24
C PRO A 6 28.95 24.99 -26.79
N THR A 7 28.59 26.21 -26.40
CA THR A 7 29.55 27.21 -25.95
C THR A 7 29.70 27.26 -24.44
N ASP A 8 28.96 26.43 -23.72
CA ASP A 8 28.98 26.42 -22.25
C ASP A 8 30.38 26.23 -21.68
N PRO A 9 30.71 26.98 -20.61
CA PRO A 9 32.04 27.04 -20.01
C PRO A 9 32.67 25.68 -19.67
N LYS A 10 31.85 24.72 -19.24
CA LYS A 10 32.41 23.43 -18.81
C LYS A 10 32.19 22.32 -19.83
N PHE A 11 31.61 22.65 -20.97
CA PHE A 11 31.49 21.65 -22.03
C PHE A 11 32.83 20.98 -22.38
N PRO A 12 33.94 21.76 -22.47
CA PRO A 12 35.23 21.10 -22.70
C PRO A 12 35.61 20.07 -21.65
N GLN A 13 35.18 20.28 -20.41
CA GLN A 13 35.45 19.31 -19.36
C GLN A 13 34.48 18.14 -19.39
N GLN A 14 33.54 18.17 -20.33
CA GLN A 14 32.65 17.01 -20.48
C GLN A 14 33.24 16.05 -21.52
N TRP A 15 34.34 15.42 -21.13
CA TRP A 15 35.14 14.53 -21.97
C TRP A 15 34.32 13.40 -22.60
N TYR A 16 33.30 12.95 -21.89
CA TYR A 16 32.44 11.83 -22.31
C TYR A 16 31.46 12.24 -23.42
N LEU A 17 31.29 13.55 -23.58
CA LEU A 17 30.55 14.14 -24.70
C LEU A 17 31.45 14.80 -25.75
N SER A 18 32.43 15.58 -25.29
CA SER A 18 33.16 16.45 -26.20
C SER A 18 34.48 15.85 -26.68
N GLY A 19 34.68 14.56 -26.43
CA GLY A 19 35.93 13.92 -26.79
C GLY A 19 36.20 13.94 -28.29
N VAL A 20 37.47 14.09 -28.65
CA VAL A 20 37.92 13.95 -30.04
C VAL A 20 38.92 12.78 -30.04
N THR A 21 38.99 12.10 -28.89
CA THR A 21 39.88 10.97 -28.67
C THR A 21 39.28 9.70 -29.28
N GLN A 22 38.02 9.81 -29.72
CA GLN A 22 37.19 8.65 -30.05
C GLN A 22 37.05 7.73 -28.84
N ARG A 23 36.93 8.34 -27.67
CA ARG A 23 36.65 7.64 -26.42
C ARG A 23 35.48 8.31 -25.72
N ASP A 24 34.34 8.34 -26.40
CA ASP A 24 33.15 9.01 -25.85
C ASP A 24 31.85 8.33 -26.27
N LEU A 25 30.74 8.97 -25.95
CA LEU A 25 29.42 8.40 -26.19
C LEU A 25 28.88 8.71 -27.57
N ASN A 26 29.69 9.39 -28.39
CA ASN A 26 29.33 9.72 -29.78
C ASN A 26 28.02 10.49 -29.85
N VAL A 27 27.85 11.42 -28.91
CA VAL A 27 26.65 12.25 -28.85
C VAL A 27 26.62 13.35 -29.93
N LYS A 28 27.79 13.91 -30.25
CA LYS A 28 27.84 14.99 -31.25
C LYS A 28 27.31 14.55 -32.60
N ALA A 29 27.56 13.30 -32.95
CA ALA A 29 27.06 12.75 -34.21
C ALA A 29 25.53 12.76 -34.23
N ALA A 30 24.91 12.51 -33.07
CA ALA A 30 23.46 12.58 -32.94
C ALA A 30 22.96 14.02 -33.04
N TRP A 31 23.60 14.91 -32.28
CA TRP A 31 23.30 16.33 -32.32
C TRP A 31 23.37 16.92 -33.75
N ALA A 32 24.38 16.51 -34.52
CA ALA A 32 24.55 16.99 -35.89
C ALA A 32 23.52 16.39 -36.85
N GLN A 33 22.95 15.25 -36.49
CA GLN A 33 21.85 14.67 -37.26
C GLN A 33 20.56 15.43 -36.95
N GLY A 34 20.64 16.40 -36.05
CA GLY A 34 19.49 17.21 -35.67
C GLY A 34 18.68 16.72 -34.48
N TYR A 35 19.26 15.86 -33.65
CA TYR A 35 18.52 15.30 -32.49
C TYR A 35 19.11 15.75 -31.16
N THR A 36 18.35 16.57 -30.46
CA THR A 36 18.80 17.15 -29.21
C THR A 36 17.81 16.89 -28.07
N GLY A 37 16.75 16.15 -28.36
CA GLY A 37 15.80 15.73 -27.36
C GLY A 37 14.50 16.50 -27.38
N HIS A 38 14.31 17.37 -28.38
CA HIS A 38 13.08 18.12 -28.49
C HIS A 38 11.85 17.23 -28.46
N GLY A 39 10.87 17.60 -27.63
CA GLY A 39 9.62 16.88 -27.55
C GLY A 39 9.64 15.69 -26.60
N ILE A 40 10.80 15.35 -26.07
CA ILE A 40 10.89 14.19 -25.18
C ILE A 40 10.91 14.67 -23.72
N VAL A 41 10.29 13.87 -22.85
CA VAL A 41 10.13 14.19 -21.43
C VAL A 41 10.78 13.08 -20.59
N VAL A 42 11.71 13.48 -19.73
CA VAL A 42 12.42 12.56 -18.86
C VAL A 42 12.21 12.94 -17.38
N SER A 43 12.04 11.95 -16.51
CA SER A 43 11.90 12.24 -15.08
C SER A 43 12.93 11.47 -14.25
N ILE A 44 13.55 12.19 -13.32
CA ILE A 44 14.52 11.65 -12.36
C ILE A 44 13.85 11.23 -11.05
N LEU A 45 13.84 9.94 -10.76
CA LEU A 45 13.23 9.51 -9.50
C LEU A 45 14.35 9.41 -8.45
N ASP A 46 14.34 10.34 -7.49
CA ASP A 46 15.49 10.47 -6.60
C ASP A 46 15.09 11.26 -5.36
N ASP A 47 15.98 12.13 -4.88
CA ASP A 47 15.74 12.90 -3.65
C ASP A 47 15.25 14.33 -3.94
N GLY A 48 14.83 14.56 -5.19
CA GLY A 48 14.32 15.86 -5.60
C GLY A 48 15.12 16.49 -6.72
N ILE A 49 14.62 17.60 -7.25
CA ILE A 49 15.33 18.32 -8.29
C ILE A 49 15.26 19.80 -8.00
N GLU A 50 16.41 20.48 -8.07
CA GLU A 50 16.46 21.92 -7.86
C GLU A 50 15.90 22.61 -9.10
N LYS A 51 14.58 22.74 -9.14
CA LYS A 51 13.89 23.17 -10.36
C LYS A 51 14.25 24.59 -10.78
N ASN A 52 14.84 25.35 -9.86
CA ASN A 52 15.23 26.72 -10.12
C ASN A 52 16.73 26.84 -10.40
N HIS A 53 17.41 25.72 -10.61
CA HIS A 53 18.82 25.78 -10.96
C HIS A 53 19.01 26.50 -12.30
N PRO A 54 19.98 27.41 -12.38
CA PRO A 54 20.20 28.20 -13.60
C PRO A 54 20.39 27.34 -14.84
N ASP A 55 20.91 26.12 -14.68
CA ASP A 55 21.07 25.24 -15.84
C ASP A 55 19.94 24.21 -15.97
N LEU A 56 18.92 24.27 -15.10
CA LEU A 56 17.75 23.39 -15.24
C LEU A 56 16.43 24.10 -15.50
N ALA A 57 16.28 25.31 -14.96
CA ALA A 57 15.02 26.06 -15.03
C ALA A 57 14.41 26.09 -16.43
N GLY A 58 15.24 26.40 -17.43
CA GLY A 58 14.80 26.46 -18.81
C GLY A 58 14.18 25.19 -19.38
N ASN A 59 14.58 24.03 -18.87
CA ASN A 59 14.03 22.76 -19.36
C ASN A 59 13.08 22.09 -18.36
N TYR A 60 12.91 22.70 -17.20
CA TYR A 60 12.09 22.10 -16.15
C TYR A 60 10.63 21.90 -16.57
N ASP A 61 10.09 20.74 -16.27
CA ASP A 61 8.70 20.42 -16.58
C ASP A 61 7.90 20.02 -15.32
N PRO A 62 7.04 20.93 -14.82
CA PRO A 62 6.25 20.55 -13.63
C PRO A 62 5.35 19.33 -13.86
N GLY A 63 4.90 19.11 -15.10
CA GLY A 63 4.10 17.94 -15.40
C GLY A 63 4.84 16.60 -15.29
N ALA A 64 6.16 16.64 -15.42
CA ALA A 64 6.97 15.44 -15.26
C ALA A 64 7.46 15.26 -13.83
N SER A 65 6.87 16.01 -12.89
CA SER A 65 7.38 16.10 -11.53
C SER A 65 6.31 15.90 -10.45
N PHE A 66 6.74 15.37 -9.31
CA PHE A 66 5.87 15.28 -8.15
C PHE A 66 6.70 15.03 -6.90
N ASP A 67 6.19 15.44 -5.75
CA ASP A 67 6.83 15.16 -4.48
C ASP A 67 6.02 14.06 -3.80
N VAL A 68 6.49 12.82 -3.92
CA VAL A 68 5.78 11.68 -3.36
C VAL A 68 6.00 11.59 -1.84
N ASN A 69 7.16 12.03 -1.35
CA ASN A 69 7.44 11.99 0.08
C ASN A 69 6.52 12.90 0.91
N ASP A 70 6.29 14.12 0.43
CA ASP A 70 5.43 15.08 1.15
C ASP A 70 4.07 15.28 0.46
N GLN A 71 3.85 14.54 -0.62
CA GLN A 71 2.58 14.52 -1.33
C GLN A 71 2.15 15.88 -1.89
N ASP A 72 3.09 16.61 -2.50
CA ASP A 72 2.76 17.87 -3.16
C ASP A 72 3.38 17.94 -4.58
N PRO A 73 2.97 18.94 -5.39
CA PRO A 73 3.48 18.98 -6.77
C PRO A 73 4.91 19.52 -6.91
N ASP A 74 5.59 19.85 -5.82
CA ASP A 74 6.87 20.56 -5.87
C ASP A 74 8.03 19.70 -5.37
N PRO A 75 8.90 19.20 -6.29
CA PRO A 75 9.98 18.27 -5.96
C PRO A 75 11.27 18.94 -5.47
N GLN A 76 11.21 20.20 -5.05
CA GLN A 76 12.40 20.90 -4.55
C GLN A 76 13.09 20.05 -3.47
N PRO A 77 14.42 19.88 -3.55
CA PRO A 77 15.17 19.11 -2.55
C PRO A 77 15.12 19.81 -1.20
N ARG A 78 15.14 19.04 -0.12
CA ARG A 78 15.17 19.58 1.23
C ARG A 78 16.62 20.02 1.53
N TYR A 79 16.82 21.28 1.92
CA TYR A 79 18.18 21.76 2.15
C TYR A 79 18.66 21.43 3.57
N THR A 80 19.89 20.94 3.65
CA THR A 80 20.55 20.56 4.91
C THR A 80 22.01 21.05 4.91
N GLN A 81 22.68 20.94 6.06
CA GLN A 81 24.03 21.48 6.16
C GLN A 81 25.01 20.76 5.23
N MET A 82 24.91 19.43 5.17
CA MET A 82 25.84 18.63 4.37
C MET A 82 25.35 18.31 2.95
N ASN A 83 24.28 18.99 2.52
CA ASN A 83 23.78 18.80 1.15
C ASN A 83 23.50 17.35 0.81
N ASP A 84 22.83 16.65 1.73
CA ASP A 84 22.46 15.26 1.54
C ASP A 84 21.59 15.03 0.31
N ASN A 85 20.76 16.01 -0.05
CA ASN A 85 19.76 15.74 -1.09
C ASN A 85 20.13 16.33 -2.45
N ARG A 86 21.39 16.13 -2.84
CA ARG A 86 21.95 16.67 -4.07
C ARG A 86 21.91 15.66 -5.22
N HIS A 87 21.51 14.43 -4.91
CA HIS A 87 21.74 13.31 -5.81
C HIS A 87 20.87 13.45 -7.07
N GLY A 88 19.61 13.85 -6.89
CA GLY A 88 18.70 13.99 -8.02
C GLY A 88 19.05 15.13 -8.95
N THR A 89 19.53 16.23 -8.37
CA THR A 89 19.86 17.42 -9.12
C THR A 89 21.06 17.16 -10.05
N ARG A 90 22.02 16.40 -9.53
CA ARG A 90 23.18 16.00 -10.33
C ARG A 90 22.78 15.10 -11.51
N CYS A 91 21.87 14.16 -11.25
CA CYS A 91 21.39 13.27 -12.30
C CYS A 91 20.61 14.03 -13.40
N ALA A 92 19.80 15.00 -12.99
CA ALA A 92 18.98 15.76 -13.91
C ALA A 92 19.80 16.56 -14.91
N GLY A 93 20.88 17.18 -14.44
CA GLY A 93 21.74 17.97 -15.32
C GLY A 93 22.44 17.15 -16.39
N GLU A 94 22.71 15.89 -16.09
CA GLU A 94 23.34 15.03 -17.08
C GLU A 94 22.42 14.77 -18.25
N VAL A 95 21.13 14.64 -17.95
CA VAL A 95 20.16 14.41 -18.98
C VAL A 95 19.89 15.66 -19.79
N ALA A 96 19.67 16.78 -19.09
CA ALA A 96 19.06 17.92 -19.74
C ALA A 96 19.47 19.31 -19.25
N ALA A 97 20.70 19.45 -18.76
CA ALA A 97 21.21 20.79 -18.48
C ALA A 97 21.11 21.64 -19.74
N VAL A 98 20.72 22.90 -19.59
CA VAL A 98 20.50 23.81 -20.71
C VAL A 98 21.81 24.10 -21.44
N ALA A 99 21.73 24.22 -22.77
CA ALA A 99 22.90 24.51 -23.60
C ALA A 99 22.99 25.96 -24.02
N ASN A 100 24.22 26.40 -24.27
CA ASN A 100 24.51 27.72 -24.83
C ASN A 100 23.99 28.86 -23.97
N ASN A 101 23.98 28.66 -22.66
CA ASN A 101 23.51 29.71 -21.75
C ASN A 101 24.60 30.24 -20.84
N GLY A 102 25.85 29.88 -21.12
CA GLY A 102 26.97 30.38 -20.34
C GLY A 102 27.08 29.83 -18.92
N VAL A 103 26.32 28.79 -18.63
CA VAL A 103 26.33 28.20 -17.29
C VAL A 103 26.72 26.73 -17.37
N CYS A 104 27.66 26.33 -16.52
CA CYS A 104 28.10 24.94 -16.36
C CYS A 104 28.36 24.23 -17.71
N GLY A 105 27.76 23.07 -17.90
CA GLY A 105 27.89 22.31 -19.13
C GLY A 105 26.57 22.10 -19.86
N VAL A 106 26.40 20.95 -20.52
CA VAL A 106 25.17 20.64 -21.23
C VAL A 106 24.70 19.23 -20.93
N GLY A 107 23.41 19.01 -21.08
CA GLY A 107 22.86 17.67 -20.94
C GLY A 107 22.99 16.94 -22.26
N VAL A 108 22.94 15.62 -22.21
CA VAL A 108 22.97 14.81 -23.42
C VAL A 108 21.80 15.20 -24.34
N ALA A 109 20.63 15.38 -23.74
CA ALA A 109 19.44 15.81 -24.47
C ALA A 109 19.05 17.22 -24.01
N TYR A 110 19.87 18.20 -24.40
CA TYR A 110 19.72 19.53 -23.84
C TYR A 110 18.49 20.30 -24.31
N ASN A 111 17.70 19.74 -25.22
CA ASN A 111 16.39 20.32 -25.56
C ASN A 111 15.20 19.50 -25.06
N ALA A 112 15.49 18.45 -24.29
CA ALA A 112 14.45 17.65 -23.68
C ALA A 112 13.85 18.43 -22.51
N ARG A 113 12.70 18.00 -22.02
CA ARG A 113 12.16 18.57 -20.80
C ARG A 113 12.43 17.59 -19.66
N ILE A 114 12.72 18.12 -18.48
CA ILE A 114 13.22 17.30 -17.38
C ILE A 114 12.36 17.51 -16.16
N GLY A 115 12.01 16.41 -15.50
CA GLY A 115 11.26 16.47 -14.28
C GLY A 115 11.99 15.72 -13.19
N GLY A 116 11.48 15.83 -11.95
CA GLY A 116 12.02 15.05 -10.86
C GLY A 116 10.89 14.57 -9.99
N VAL A 117 11.00 13.32 -9.51
CA VAL A 117 10.09 12.83 -8.49
C VAL A 117 10.84 12.72 -7.17
N ARG A 118 10.46 13.53 -6.19
CA ARG A 118 11.09 13.44 -4.87
C ARG A 118 10.47 12.25 -4.14
N MET A 119 11.23 11.16 -4.01
CA MET A 119 10.71 9.95 -3.39
C MET A 119 11.70 9.19 -2.47
N LEU A 120 12.97 9.60 -2.45
CA LEU A 120 13.93 8.92 -1.55
C LEU A 120 14.03 9.59 -0.17
N ASP A 121 13.57 10.84 -0.07
CA ASP A 121 13.70 11.61 1.15
C ASP A 121 12.47 11.43 2.05
N GLY A 122 12.20 10.18 2.42
CA GLY A 122 11.09 9.82 3.29
C GLY A 122 11.11 8.32 3.37
N GLU A 123 10.19 7.69 4.10
CA GLU A 123 10.10 6.23 4.04
C GLU A 123 9.83 5.76 2.61
N VAL A 124 10.72 4.91 2.10
CA VAL A 124 10.55 4.42 0.73
C VAL A 124 9.77 3.10 0.77
N THR A 125 8.46 3.24 0.92
CA THR A 125 7.57 2.08 1.00
C THR A 125 7.29 1.57 -0.40
N ASP A 126 6.63 0.42 -0.47
CA ASP A 126 6.21 -0.15 -1.75
C ASP A 126 5.28 0.82 -2.51
N ALA A 127 4.39 1.51 -1.78
CA ALA A 127 3.46 2.46 -2.39
C ALA A 127 4.16 3.70 -2.94
N VAL A 128 5.18 4.16 -2.22
CA VAL A 128 5.99 5.31 -2.63
C VAL A 128 6.69 4.98 -3.96
N GLU A 129 7.28 3.78 -4.04
CA GLU A 129 7.93 3.37 -5.28
C GLU A 129 6.94 3.29 -6.44
N ALA A 130 5.77 2.71 -6.17
CA ALA A 130 4.76 2.54 -7.22
C ALA A 130 4.23 3.87 -7.74
N ARG A 131 4.04 4.84 -6.84
CA ARG A 131 3.55 6.15 -7.22
C ARG A 131 4.60 6.91 -8.05
N SER A 132 5.88 6.60 -7.83
CA SER A 132 6.92 7.26 -8.59
C SER A 132 7.08 6.67 -9.99
N LEU A 133 7.17 5.34 -10.06
CA LEU A 133 7.30 4.60 -11.31
C LEU A 133 6.11 4.79 -12.23
N GLY A 134 4.95 5.05 -11.63
CA GLY A 134 3.71 5.15 -12.35
C GLY A 134 3.25 6.58 -12.65
N LEU A 135 4.08 7.58 -12.35
CA LEU A 135 3.68 8.98 -12.51
C LEU A 135 3.43 9.41 -13.97
N ASN A 136 2.22 9.90 -14.26
CA ASN A 136 1.90 10.59 -15.53
C ASN A 136 2.49 9.91 -16.79
N PRO A 137 2.19 8.62 -16.99
CA PRO A 137 2.91 7.81 -17.97
C PRO A 137 2.56 8.08 -19.43
N ASN A 138 1.54 8.91 -19.72
CA ASN A 138 1.32 9.36 -21.09
C ASN A 138 1.96 10.73 -21.33
N HIS A 139 2.67 11.24 -20.33
CA HIS A 139 3.43 12.48 -20.48
C HIS A 139 4.94 12.25 -20.37
N ILE A 140 5.35 11.57 -19.29
CA ILE A 140 6.74 11.18 -19.11
C ILE A 140 7.05 10.00 -20.01
N HIS A 141 8.08 10.12 -20.84
CA HIS A 141 8.49 9.03 -21.74
C HIS A 141 9.46 8.08 -21.07
N ILE A 142 10.42 8.66 -20.34
CA ILE A 142 11.58 7.95 -19.82
C ILE A 142 11.79 8.24 -18.33
N TYR A 143 11.98 7.18 -17.54
CA TYR A 143 12.22 7.32 -16.12
C TYR A 143 13.65 6.89 -15.79
N SER A 144 14.37 7.74 -15.05
CA SER A 144 15.75 7.44 -14.71
C SER A 144 15.86 7.21 -13.20
N ALA A 145 16.32 6.02 -12.78
CA ALA A 145 16.42 5.73 -11.35
C ALA A 145 17.81 5.26 -10.98
N SER A 146 18.49 6.07 -10.16
CA SER A 146 19.82 5.75 -9.69
C SER A 146 19.80 5.42 -8.20
N TRP A 147 19.10 4.34 -7.87
CA TRP A 147 18.98 3.89 -6.49
C TRP A 147 18.58 2.44 -6.50
N GLY A 148 18.65 1.78 -5.36
CA GLY A 148 18.27 0.38 -5.28
C GLY A 148 18.52 -0.19 -3.90
N PRO A 149 18.39 -1.52 -3.74
CA PRO A 149 18.71 -2.18 -2.48
C PRO A 149 20.15 -1.90 -2.06
N GLU A 150 20.42 -2.01 -0.77
CA GLU A 150 21.75 -1.79 -0.24
C GLU A 150 22.83 -2.56 -1.03
N ASP A 151 23.89 -1.86 -1.38
CA ASP A 151 24.99 -2.46 -2.13
C ASP A 151 26.09 -3.04 -1.22
N ASP A 152 25.70 -3.73 -0.16
CA ASP A 152 26.68 -4.24 0.80
C ASP A 152 27.24 -5.62 0.42
N GLY A 153 26.78 -6.17 -0.69
CA GLY A 153 27.21 -7.47 -1.12
C GLY A 153 26.57 -8.62 -0.37
N LYS A 154 25.54 -8.35 0.42
CA LYS A 154 24.85 -9.46 1.07
C LYS A 154 23.33 -9.37 1.03
N THR A 155 22.80 -8.39 0.31
CA THR A 155 21.36 -8.20 0.24
C THR A 155 20.77 -8.90 -0.99
N VAL A 156 19.59 -9.48 -0.83
CA VAL A 156 18.75 -9.89 -1.96
C VAL A 156 17.39 -9.26 -1.81
N ASP A 157 17.06 -8.32 -2.69
CA ASP A 157 15.83 -7.56 -2.55
C ASP A 157 15.42 -6.99 -3.90
N GLY A 158 14.12 -6.78 -4.07
CA GLY A 158 13.56 -6.30 -5.32
C GLY A 158 12.23 -5.62 -5.06
N PRO A 159 11.55 -5.18 -6.13
CA PRO A 159 10.25 -4.54 -5.99
C PRO A 159 9.22 -5.47 -5.35
N ALA A 160 8.49 -4.94 -4.38
CA ALA A 160 7.33 -5.63 -3.85
C ALA A 160 6.13 -5.48 -4.83
N ARG A 161 4.95 -5.89 -4.38
CA ARG A 161 3.79 -6.08 -5.26
C ARG A 161 3.31 -4.82 -6.00
N LEU A 162 3.19 -3.70 -5.30
CA LEU A 162 2.71 -2.47 -5.94
C LEU A 162 3.71 -1.93 -6.97
N ALA A 163 5.00 -1.98 -6.65
CA ALA A 163 6.03 -1.48 -7.56
C ALA A 163 6.14 -2.37 -8.80
N GLU A 164 6.00 -3.68 -8.58
CA GLU A 164 5.99 -4.65 -9.67
C GLU A 164 4.82 -4.39 -10.60
N GLU A 165 3.66 -4.19 -10.01
CA GLU A 165 2.45 -3.78 -10.72
C GLU A 165 2.67 -2.47 -11.51
N ALA A 166 3.37 -1.51 -10.93
CA ALA A 166 3.63 -0.24 -11.62
C ALA A 166 4.56 -0.43 -12.81
N PHE A 167 5.58 -1.29 -12.67
CA PHE A 167 6.45 -1.62 -13.79
C PHE A 167 5.64 -2.18 -14.95
N PHE A 168 4.75 -3.12 -14.65
CA PHE A 168 4.01 -3.81 -15.69
C PHE A 168 3.00 -2.89 -16.37
N ARG A 169 2.27 -2.12 -15.56
CA ARG A 169 1.38 -1.08 -16.09
C ARG A 169 2.16 -0.11 -16.96
N GLY A 170 3.35 0.27 -16.49
CA GLY A 170 4.23 1.14 -17.26
C GLY A 170 4.51 0.63 -18.68
N VAL A 171 4.99 -0.60 -18.78
CA VAL A 171 5.36 -1.11 -20.10
C VAL A 171 4.13 -1.50 -20.93
N SER A 172 3.02 -1.83 -20.27
CA SER A 172 1.77 -2.22 -20.96
C SER A 172 0.93 -1.02 -21.42
N GLN A 173 0.88 0.02 -20.60
CA GLN A 173 -0.02 1.15 -20.79
C GLN A 173 0.66 2.46 -21.10
N GLY A 174 1.88 2.62 -20.60
CA GLY A 174 2.64 3.83 -20.78
C GLY A 174 2.81 4.25 -22.24
N ARG A 175 2.97 5.55 -22.44
CA ARG A 175 3.18 6.12 -23.77
C ARG A 175 2.16 5.63 -24.79
N GLY A 176 0.88 5.69 -24.44
CA GLY A 176 -0.18 5.27 -25.33
C GLY A 176 -0.10 3.80 -25.72
N GLY A 177 0.57 3.00 -24.90
CA GLY A 177 0.71 1.58 -25.17
C GLY A 177 2.06 1.17 -25.71
N LEU A 178 2.93 2.14 -25.98
CA LEU A 178 4.25 1.80 -26.49
C LEU A 178 5.16 1.32 -25.34
N GLY A 179 4.85 1.78 -24.13
CA GLY A 179 5.56 1.36 -22.94
C GLY A 179 6.55 2.37 -22.39
N SER A 180 6.38 2.71 -21.12
CA SER A 180 7.34 3.48 -20.35
C SER A 180 8.76 2.90 -20.47
N ILE A 181 9.77 3.77 -20.58
CA ILE A 181 11.15 3.32 -20.60
C ILE A 181 11.78 3.54 -19.22
N PHE A 182 12.15 2.45 -18.56
CA PHE A 182 12.74 2.53 -17.21
C PHE A 182 14.24 2.29 -17.30
N VAL A 183 15.03 3.30 -16.93
CA VAL A 183 16.49 3.22 -17.02
C VAL A 183 17.12 3.14 -15.61
N TRP A 184 17.94 2.13 -15.35
CA TRP A 184 18.39 1.84 -13.98
C TRP A 184 19.92 1.79 -13.83
N ALA A 185 20.43 2.32 -12.72
CA ALA A 185 21.85 2.22 -12.40
C ALA A 185 22.13 0.85 -11.82
N SER A 186 23.15 0.15 -12.33
CA SER A 186 23.31 -1.27 -12.03
C SER A 186 23.85 -1.55 -10.61
N GLY A 187 24.45 -0.57 -9.96
CA GLY A 187 24.88 -0.73 -8.58
C GLY A 187 26.30 -0.28 -8.29
N ASN A 188 26.57 0.08 -7.04
CA ASN A 188 27.89 0.55 -6.65
C ASN A 188 28.63 -0.38 -5.69
N GLY A 189 28.21 -1.64 -5.63
CA GLY A 189 28.75 -2.60 -4.66
C GLY A 189 30.02 -3.35 -5.04
N GLY A 190 30.77 -2.81 -5.99
CA GLY A 190 31.94 -3.47 -6.55
C GLY A 190 32.96 -3.92 -5.52
N ARG A 191 33.23 -3.04 -4.56
CA ARG A 191 34.27 -3.36 -3.58
C ARG A 191 33.80 -4.40 -2.58
N GLU A 192 32.48 -4.56 -2.45
CA GLU A 192 31.93 -5.64 -1.66
C GLU A 192 31.65 -6.87 -2.53
N HIS A 193 32.13 -6.85 -3.77
CA HIS A 193 31.86 -7.93 -4.73
C HIS A 193 30.36 -8.24 -4.85
N ASP A 194 29.52 -7.22 -4.80
CA ASP A 194 28.08 -7.40 -4.96
C ASP A 194 27.78 -7.90 -6.38
N SER A 195 26.66 -8.58 -6.56
CA SER A 195 26.20 -9.02 -7.88
C SER A 195 24.88 -8.33 -8.21
N CYS A 196 24.81 -7.62 -9.33
CA CYS A 196 23.57 -6.92 -9.67
C CYS A 196 22.40 -7.85 -10.07
N ASN A 197 22.59 -9.17 -10.06
CA ASN A 197 21.43 -10.04 -10.21
C ASN A 197 20.70 -10.27 -8.87
N CYS A 198 21.28 -9.80 -7.78
CA CYS A 198 20.63 -9.86 -6.47
C CYS A 198 19.78 -8.63 -6.17
N ASP A 199 19.65 -7.80 -7.18
CA ASP A 199 18.91 -6.54 -7.12
C ASP A 199 17.73 -6.67 -8.10
N GLY A 200 16.51 -6.77 -7.56
CA GLY A 200 15.36 -7.03 -8.41
C GLY A 200 14.93 -5.88 -9.33
N TYR A 201 15.47 -4.69 -9.11
CA TYR A 201 15.17 -3.58 -10.00
C TYR A 201 16.04 -3.67 -11.24
N THR A 202 17.35 -3.85 -11.06
CA THR A 202 18.25 -3.97 -12.21
C THR A 202 17.99 -5.27 -12.96
N ASN A 203 17.65 -6.30 -12.22
CA ASN A 203 17.44 -7.65 -12.74
C ASN A 203 16.12 -7.81 -13.52
N SER A 204 15.23 -6.83 -13.39
CA SER A 204 13.95 -6.81 -14.12
C SER A 204 14.12 -6.73 -15.64
N ILE A 205 13.27 -7.46 -16.38
CA ILE A 205 13.26 -7.31 -17.83
C ILE A 205 12.70 -5.94 -18.24
N TYR A 206 11.92 -5.31 -17.36
CA TYR A 206 11.27 -4.02 -17.65
C TYR A 206 12.20 -2.82 -17.55
N THR A 207 13.38 -3.02 -16.95
CA THR A 207 14.35 -1.95 -16.83
C THR A 207 15.55 -2.19 -17.73
N LEU A 208 16.11 -1.11 -18.27
CA LEU A 208 17.39 -1.18 -18.96
C LEU A 208 18.46 -0.89 -17.95
N SER A 209 19.19 -1.91 -17.54
CA SER A 209 20.18 -1.72 -16.49
C SER A 209 21.53 -1.34 -17.09
N ILE A 210 22.09 -0.23 -16.60
CA ILE A 210 23.28 0.39 -17.17
C ILE A 210 24.47 0.39 -16.20
N SER A 211 25.62 -0.04 -16.69
CA SER A 211 26.84 -0.07 -15.89
C SER A 211 27.79 1.04 -16.33
N SER A 212 28.96 1.10 -15.72
CA SER A 212 29.90 2.20 -15.92
C SER A 212 31.27 1.71 -16.47
N ALA A 213 31.96 2.61 -17.16
CA ALA A 213 33.33 2.41 -17.59
C ALA A 213 34.12 3.67 -17.22
N THR A 214 35.38 3.51 -16.82
CA THR A 214 36.21 4.68 -16.48
C THR A 214 36.71 5.37 -17.74
N GLN A 215 37.28 6.56 -17.57
CA GLN A 215 37.76 7.33 -18.71
C GLN A 215 38.73 6.53 -19.58
N PHE A 216 39.57 5.71 -18.96
CA PHE A 216 40.56 4.94 -19.72
C PHE A 216 40.03 3.56 -20.14
N GLY A 217 38.72 3.36 -20.02
CA GLY A 217 38.09 2.15 -20.50
C GLY A 217 38.19 0.95 -19.56
N ASN A 218 38.34 1.20 -18.27
CA ASN A 218 38.45 0.10 -17.30
C ASN A 218 37.17 -0.12 -16.49
N VAL A 219 37.10 -1.28 -15.85
CA VAL A 219 36.00 -1.58 -14.95
C VAL A 219 36.23 -0.79 -13.68
N PRO A 220 35.30 0.13 -13.35
CA PRO A 220 35.44 0.96 -12.16
C PRO A 220 35.43 0.15 -10.88
N TRP A 221 36.05 0.68 -9.83
CA TRP A 221 36.14 -0.03 -8.55
C TRP A 221 34.77 -0.37 -7.97
N TYR A 222 33.77 0.45 -8.25
CA TYR A 222 32.44 0.30 -7.67
C TYR A 222 31.52 -0.61 -8.49
N SER A 223 32.02 -1.07 -9.63
CA SER A 223 31.19 -1.78 -10.60
C SER A 223 30.77 -3.20 -10.17
N GLU A 224 29.50 -3.51 -10.36
CA GLU A 224 29.00 -4.85 -10.10
C GLU A 224 28.83 -5.61 -11.40
N ALA A 225 29.27 -6.86 -11.40
CA ALA A 225 29.12 -7.70 -12.58
C ALA A 225 27.86 -8.54 -12.43
N CYS A 226 27.14 -8.74 -13.53
CA CYS A 226 26.02 -9.67 -13.56
C CYS A 226 25.52 -9.84 -14.98
N SER A 227 24.67 -10.84 -15.20
CA SER A 227 24.18 -11.14 -16.53
C SER A 227 22.99 -10.26 -16.97
N SER A 228 22.41 -9.49 -16.05
CA SER A 228 21.19 -8.72 -16.37
C SER A 228 21.49 -7.34 -16.96
N THR A 229 22.73 -6.88 -16.84
CA THR A 229 23.12 -5.59 -17.38
C THR A 229 23.06 -5.61 -18.90
N LEU A 230 22.57 -4.51 -19.50
CA LEU A 230 22.38 -4.44 -20.94
C LEU A 230 23.51 -3.69 -21.66
N ALA A 231 23.91 -2.54 -21.11
CA ALA A 231 24.96 -1.75 -21.71
C ALA A 231 25.60 -0.80 -20.71
N THR A 232 26.53 0.02 -21.20
CA THR A 232 27.44 0.82 -20.38
C THR A 232 27.53 2.26 -20.85
N THR A 233 27.68 3.21 -19.91
CA THR A 233 28.17 4.52 -20.27
C THR A 233 29.39 4.87 -19.41
N TYR A 234 30.18 5.84 -19.86
CA TYR A 234 31.31 6.33 -19.09
C TYR A 234 30.85 6.92 -17.76
N SER A 235 31.67 6.76 -16.74
CA SER A 235 31.49 7.45 -15.48
C SER A 235 32.86 7.71 -14.81
N SER A 236 32.87 7.85 -13.49
CA SER A 236 34.10 8.16 -12.76
C SER A 236 34.96 6.91 -12.57
N GLY A 237 36.24 7.12 -12.25
CA GLY A 237 37.18 6.01 -12.07
C GLY A 237 38.18 6.24 -10.94
N ASN A 238 39.48 6.04 -11.22
CA ASN A 238 40.50 6.23 -10.18
C ASN A 238 40.86 7.70 -10.07
N GLN A 239 41.83 8.05 -9.23
CA GLN A 239 42.13 9.45 -8.96
C GLN A 239 42.74 10.14 -10.17
N ASN A 240 43.32 9.36 -11.08
CA ASN A 240 43.92 9.91 -12.29
C ASN A 240 42.92 10.09 -13.44
N GLU A 241 41.67 9.73 -13.21
CA GLU A 241 40.65 9.79 -14.26
C GLU A 241 39.59 10.87 -13.99
N LYS A 242 39.13 11.53 -15.06
CA LYS A 242 38.17 12.61 -14.92
C LYS A 242 36.80 12.06 -14.56
N GLN A 243 35.90 12.93 -14.12
CA GLN A 243 34.59 12.48 -13.65
C GLN A 243 33.47 13.24 -14.36
N ILE A 244 32.26 13.18 -13.81
CA ILE A 244 31.12 13.74 -14.53
C ILE A 244 30.81 15.16 -14.08
N VAL A 245 30.54 16.01 -15.08
CA VAL A 245 30.31 17.44 -14.88
C VAL A 245 28.84 17.71 -15.00
N THR A 246 28.23 18.26 -13.96
CA THR A 246 26.78 18.42 -13.96
C THR A 246 26.34 19.50 -12.97
N THR A 247 25.03 19.72 -12.90
CA THR A 247 24.42 20.66 -11.99
C THR A 247 24.43 20.15 -10.55
N ASP A 248 24.73 21.03 -9.59
CA ASP A 248 24.71 20.65 -8.17
C ASP A 248 23.73 21.52 -7.38
N LEU A 249 23.35 21.03 -6.20
CA LEU A 249 22.52 21.78 -5.26
C LEU A 249 23.06 23.17 -4.97
N ARG A 250 22.16 24.10 -4.64
CA ARG A 250 22.49 25.50 -4.35
C ARG A 250 23.08 26.20 -5.56
N GLN A 251 22.56 25.82 -6.73
CA GLN A 251 22.82 26.52 -7.98
C GLN A 251 24.30 26.49 -8.35
N LYS A 252 24.98 25.43 -7.97
CA LYS A 252 26.39 25.28 -8.32
C LYS A 252 26.63 24.28 -9.44
N CYS A 253 27.89 24.15 -9.80
CA CYS A 253 28.38 23.25 -10.83
C CYS A 253 29.38 22.29 -10.18
N THR A 254 29.22 20.98 -10.38
CA THR A 254 30.24 20.05 -9.89
C THR A 254 30.97 19.38 -11.04
N GLU A 255 32.22 19.03 -10.83
CA GLU A 255 32.96 18.21 -11.76
C GLU A 255 33.28 16.85 -11.12
N SER A 256 32.58 16.54 -10.05
CA SER A 256 32.92 15.34 -9.29
C SER A 256 31.74 14.40 -9.06
N HIS A 257 30.87 14.26 -10.07
CA HIS A 257 29.74 13.34 -9.98
C HIS A 257 30.25 11.95 -10.36
N THR A 258 29.87 10.94 -9.56
CA THR A 258 30.50 9.61 -9.58
C THR A 258 29.52 8.44 -9.58
N GLY A 259 30.05 7.24 -9.83
CA GLY A 259 29.28 6.02 -9.64
C GLY A 259 28.35 5.65 -10.78
N THR A 260 27.60 4.58 -10.62
CA THR A 260 26.63 4.22 -11.66
C THR A 260 25.47 5.21 -11.66
N SER A 261 25.34 6.00 -10.60
CA SER A 261 24.34 7.06 -10.63
C SER A 261 24.61 8.08 -11.71
N ALA A 262 25.85 8.18 -12.17
CA ALA A 262 26.13 9.09 -13.26
C ALA A 262 25.86 8.41 -14.62
N SER A 263 26.01 7.09 -14.66
CA SER A 263 25.82 6.35 -15.91
C SER A 263 24.36 6.25 -16.37
N ALA A 264 23.44 5.91 -15.46
CA ALA A 264 22.04 5.79 -15.83
C ALA A 264 21.43 7.04 -16.50
N PRO A 265 21.68 8.27 -15.95
CA PRO A 265 21.12 9.46 -16.60
C PRO A 265 21.72 9.74 -17.99
N LEU A 266 23.00 9.44 -18.21
CA LEU A 266 23.59 9.66 -19.53
C LEU A 266 22.92 8.72 -20.52
N ALA A 267 22.63 7.51 -20.06
CA ALA A 267 21.89 6.55 -20.88
C ALA A 267 20.45 7.03 -21.16
N ALA A 268 19.78 7.58 -20.14
CA ALA A 268 18.45 8.12 -20.33
C ALA A 268 18.45 9.26 -21.37
N GLY A 269 19.46 10.11 -21.32
CA GLY A 269 19.61 11.17 -22.32
C GLY A 269 19.81 10.66 -23.74
N ILE A 270 20.63 9.62 -23.88
CA ILE A 270 20.86 9.01 -25.19
C ILE A 270 19.57 8.36 -25.69
N ILE A 271 18.86 7.69 -24.79
CA ILE A 271 17.56 7.12 -25.12
C ILE A 271 16.55 8.21 -25.55
N ALA A 272 16.62 9.38 -24.91
CA ALA A 272 15.76 10.50 -25.29
C ALA A 272 16.03 10.95 -26.73
N LEU A 273 17.31 11.00 -27.10
CA LEU A 273 17.68 11.36 -28.48
C LEU A 273 17.09 10.36 -29.45
N THR A 274 17.20 9.09 -29.06
CA THR A 274 16.74 7.97 -29.85
C THR A 274 15.23 8.00 -30.06
N LEU A 275 14.48 8.32 -29.01
CA LEU A 275 13.03 8.49 -29.09
C LEU A 275 12.61 9.63 -30.00
N GLU A 276 13.41 10.70 -30.01
CA GLU A 276 13.07 11.81 -30.88
C GLU A 276 13.22 11.40 -32.34
N ALA A 277 14.18 10.53 -32.62
CA ALA A 277 14.40 10.05 -33.98
C ALA A 277 13.32 9.05 -34.42
N ASN A 278 12.68 8.37 -33.48
CA ASN A 278 11.58 7.45 -33.79
C ASN A 278 10.64 7.38 -32.60
N LYS A 279 9.59 8.17 -32.63
CA LYS A 279 8.68 8.22 -31.50
C LYS A 279 7.79 6.99 -31.40
N ASN A 280 7.84 6.11 -32.40
CA ASN A 280 7.03 4.89 -32.38
C ASN A 280 7.67 3.70 -31.69
N LEU A 281 8.90 3.86 -31.22
CA LEU A 281 9.64 2.74 -30.63
C LEU A 281 8.93 2.25 -29.37
N THR A 282 8.83 0.93 -29.21
CA THR A 282 8.23 0.36 -28.01
C THR A 282 9.32 0.20 -26.94
N TRP A 283 8.92 -0.14 -25.72
CA TRP A 283 9.92 -0.37 -24.68
C TRP A 283 10.89 -1.49 -25.06
N ARG A 284 10.39 -2.52 -25.74
CA ARG A 284 11.28 -3.58 -26.22
C ARG A 284 12.11 -3.18 -27.44
N ASP A 285 11.55 -2.35 -28.33
CA ASP A 285 12.34 -1.79 -29.42
C ASP A 285 13.59 -1.13 -28.88
N MET A 286 13.45 -0.37 -27.79
CA MET A 286 14.58 0.38 -27.28
C MET A 286 15.71 -0.56 -26.83
N GLN A 287 15.34 -1.63 -26.16
CA GLN A 287 16.35 -2.60 -25.74
C GLN A 287 16.99 -3.29 -26.95
N HIS A 288 16.20 -3.64 -27.97
CA HIS A 288 16.80 -4.16 -29.21
C HIS A 288 17.85 -3.21 -29.82
N LEU A 289 17.55 -1.92 -29.86
CA LEU A 289 18.46 -0.95 -30.46
C LEU A 289 19.77 -0.89 -29.66
N VAL A 290 19.65 -0.99 -28.34
CA VAL A 290 20.81 -1.00 -27.45
C VAL A 290 21.70 -2.22 -27.72
N VAL A 291 21.09 -3.39 -27.86
CA VAL A 291 21.84 -4.62 -28.15
C VAL A 291 22.51 -4.55 -29.52
N GLN A 292 21.81 -3.99 -30.49
CA GLN A 292 22.32 -3.94 -31.85
C GLN A 292 23.46 -2.95 -32.06
N THR A 293 23.46 -1.85 -31.31
CA THR A 293 24.39 -0.75 -31.60
C THR A 293 25.52 -0.51 -30.59
N SER A 294 25.46 -1.12 -29.42
CA SER A 294 26.46 -0.87 -28.40
C SER A 294 27.79 -1.54 -28.76
N LYS A 295 28.88 -0.82 -28.47
CA LYS A 295 30.23 -1.16 -28.89
C LYS A 295 31.11 -1.67 -27.75
N PRO A 296 31.65 -2.90 -27.88
CA PRO A 296 32.66 -3.41 -26.95
C PRO A 296 33.99 -2.67 -27.06
N ALA A 297 34.26 -2.05 -28.21
CA ALA A 297 35.61 -1.59 -28.54
C ALA A 297 36.16 -0.61 -27.52
N HIS A 298 37.39 -0.87 -27.11
CA HIS A 298 38.16 -0.01 -26.20
C HIS A 298 37.70 -0.09 -24.75
N LEU A 299 36.75 -0.96 -24.45
CA LEU A 299 36.41 -1.29 -23.06
C LEU A 299 37.15 -2.54 -22.64
N ASN A 300 37.93 -2.42 -21.58
CA ASN A 300 38.75 -3.54 -21.11
C ASN A 300 38.04 -4.37 -20.05
N ALA A 301 37.94 -5.68 -20.29
CA ALA A 301 37.40 -6.59 -19.30
C ALA A 301 38.04 -7.97 -19.45
N ASN A 302 37.97 -8.78 -18.40
CA ASN A 302 38.58 -10.10 -18.46
C ASN A 302 37.63 -11.18 -18.97
N ASP A 303 36.37 -10.81 -19.20
CA ASP A 303 35.36 -11.82 -19.48
C ASP A 303 34.57 -11.58 -20.78
N TRP A 304 35.11 -10.81 -21.71
CA TRP A 304 34.44 -10.69 -22.99
C TRP A 304 34.28 -12.07 -23.61
N ALA A 305 33.05 -12.42 -23.97
CA ALA A 305 32.76 -13.66 -24.66
C ALA A 305 31.86 -13.40 -25.86
N THR A 306 31.98 -14.23 -26.89
CA THR A 306 31.11 -14.16 -28.06
C THR A 306 29.89 -15.04 -27.82
N ASN A 307 28.69 -14.51 -28.02
CA ASN A 307 27.52 -15.36 -27.78
C ASN A 307 27.11 -16.12 -29.05
N GLY A 308 25.89 -16.68 -29.05
CA GLY A 308 25.42 -17.53 -30.15
C GLY A 308 25.15 -16.85 -31.48
N VAL A 309 24.89 -15.54 -31.44
CA VAL A 309 24.67 -14.81 -32.69
C VAL A 309 25.87 -13.94 -33.02
N GLY A 310 26.99 -14.18 -32.36
CA GLY A 310 28.23 -13.51 -32.70
C GLY A 310 28.48 -12.16 -32.07
N ARG A 311 27.69 -11.79 -31.06
CA ARG A 311 27.93 -10.54 -30.35
C ARG A 311 28.83 -10.73 -29.14
N LYS A 312 29.73 -9.77 -28.91
CA LYS A 312 30.58 -9.79 -27.73
C LYS A 312 29.76 -9.33 -26.53
N VAL A 313 29.84 -10.10 -25.45
CA VAL A 313 29.14 -9.76 -24.23
C VAL A 313 30.05 -9.88 -23.03
N SER A 314 29.86 -8.98 -22.07
CA SER A 314 30.59 -8.99 -20.81
C SER A 314 29.65 -8.84 -19.61
N HIS A 315 29.97 -9.51 -18.51
CA HIS A 315 29.19 -9.34 -17.28
C HIS A 315 29.44 -7.97 -16.63
N SER A 316 30.52 -7.32 -17.01
CA SER A 316 30.82 -5.97 -16.52
C SER A 316 30.14 -4.88 -17.33
N TYR A 317 29.91 -5.14 -18.62
CA TYR A 317 29.50 -4.08 -19.52
C TYR A 317 28.24 -4.35 -20.34
N GLY A 318 27.67 -5.53 -20.21
CA GLY A 318 26.61 -5.96 -21.11
C GLY A 318 27.15 -6.05 -22.53
N TYR A 319 26.47 -5.41 -23.47
CA TYR A 319 26.89 -5.41 -24.88
C TYR A 319 27.87 -4.28 -25.18
N GLY A 320 28.21 -3.52 -24.16
CA GLY A 320 29.24 -2.52 -24.31
C GLY A 320 28.76 -1.09 -24.20
N LEU A 321 29.54 -0.19 -24.77
CA LEU A 321 29.31 1.24 -24.64
C LEU A 321 28.17 1.70 -25.55
N LEU A 322 27.21 2.44 -25.00
CA LEU A 322 26.21 3.09 -25.83
C LEU A 322 26.86 4.02 -26.84
N ASP A 323 26.26 4.07 -28.02
CA ASP A 323 26.74 4.89 -29.12
C ASP A 323 25.56 5.71 -29.62
N ALA A 324 25.50 6.98 -29.22
CA ALA A 324 24.33 7.81 -29.51
C ALA A 324 24.08 7.93 -31.03
N GLY A 325 25.14 8.19 -31.77
CA GLY A 325 25.04 8.29 -33.22
C GLY A 325 24.45 7.05 -33.86
N ALA A 326 24.91 5.88 -33.43
CA ALA A 326 24.43 4.63 -34.00
C ALA A 326 22.99 4.32 -33.57
N MET A 327 22.64 4.68 -32.34
CA MET A 327 21.28 4.49 -31.81
C MET A 327 20.27 5.26 -32.65
N VAL A 328 20.52 6.55 -32.79
CA VAL A 328 19.66 7.41 -33.57
C VAL A 328 19.60 6.99 -35.05
N ALA A 329 20.74 6.65 -35.62
CA ALA A 329 20.79 6.26 -37.04
C ALA A 329 19.91 5.04 -37.29
N LEU A 330 19.99 4.06 -36.40
CA LEU A 330 19.19 2.85 -36.58
C LEU A 330 17.71 3.05 -36.24
N ALA A 331 17.43 3.86 -35.22
CA ALA A 331 16.05 4.16 -34.83
C ALA A 331 15.22 4.64 -36.02
N GLN A 332 15.82 5.50 -36.83
CA GLN A 332 15.15 6.10 -37.97
C GLN A 332 14.57 5.10 -38.96
N ASN A 333 15.20 3.95 -39.09
CA ASN A 333 14.73 2.94 -40.04
C ASN A 333 14.27 1.62 -39.39
N TRP A 334 14.03 1.64 -38.08
CA TRP A 334 13.72 0.43 -37.33
C TRP A 334 12.26 0.00 -37.49
N THR A 335 12.04 -1.25 -37.86
CA THR A 335 10.72 -1.85 -37.86
C THR A 335 10.39 -2.40 -36.47
N THR A 336 9.23 -2.02 -35.93
CA THR A 336 8.83 -2.44 -34.60
C THR A 336 8.77 -3.98 -34.49
N VAL A 337 9.22 -4.51 -33.37
CA VAL A 337 9.23 -5.96 -33.20
C VAL A 337 7.85 -6.47 -32.84
N ALA A 338 7.64 -7.77 -33.09
CA ALA A 338 6.35 -8.40 -32.81
C ALA A 338 6.09 -8.42 -31.29
N PRO A 339 4.83 -8.63 -30.88
CA PRO A 339 4.52 -8.62 -29.45
C PRO A 339 5.33 -9.64 -28.67
N GLN A 340 5.60 -9.33 -27.41
CA GLN A 340 6.33 -10.24 -26.55
C GLN A 340 5.58 -11.54 -26.32
N ARG A 341 6.28 -12.66 -26.45
CA ARG A 341 5.81 -13.96 -26.04
C ARG A 341 6.58 -14.42 -24.80
N LYS A 342 5.93 -15.21 -23.96
CA LYS A 342 6.53 -15.71 -22.74
C LYS A 342 6.29 -17.22 -22.62
N CYS A 343 7.37 -17.99 -22.55
CA CYS A 343 7.28 -19.44 -22.46
C CYS A 343 7.87 -19.92 -21.15
N ILE A 344 7.05 -20.63 -20.36
CA ILE A 344 7.42 -21.07 -19.02
C ILE A 344 7.65 -22.57 -18.99
N ILE A 345 8.80 -22.98 -18.48
CA ILE A 345 9.13 -24.41 -18.40
C ILE A 345 9.57 -24.83 -17.00
N ASP A 346 8.75 -25.65 -16.35
CA ASP A 346 9.08 -26.22 -15.05
C ASP A 346 10.06 -27.37 -15.25
N ILE A 347 11.21 -27.31 -14.59
CA ILE A 347 12.26 -28.27 -14.89
C ILE A 347 12.30 -29.46 -13.93
N LEU A 348 12.24 -29.23 -12.62
CA LEU A 348 12.44 -30.30 -11.64
C LEU A 348 11.23 -31.22 -11.41
N THR A 349 11.48 -32.53 -11.34
CA THR A 349 10.46 -33.48 -10.91
C THR A 349 10.66 -33.91 -9.45
N GLU A 350 11.84 -33.61 -8.93
CA GLU A 350 12.25 -33.95 -7.57
C GLU A 350 13.28 -32.93 -7.11
N PRO A 351 13.32 -32.61 -5.81
CA PRO A 351 14.38 -31.72 -5.33
C PRO A 351 15.76 -32.34 -5.54
N LYS A 352 16.79 -31.51 -5.69
CA LYS A 352 18.14 -31.98 -5.95
C LYS A 352 19.12 -31.53 -4.87
N ASP A 353 19.89 -32.47 -4.36
CA ASP A 353 20.96 -32.12 -3.44
C ASP A 353 21.99 -31.33 -4.19
N ILE A 354 22.56 -30.32 -3.55
CA ILE A 354 23.46 -29.47 -4.30
C ILE A 354 24.91 -29.99 -4.23
N GLY A 355 25.43 -30.23 -3.04
CA GLY A 355 26.78 -30.78 -2.94
C GLY A 355 27.85 -29.86 -3.49
N LYS A 356 28.98 -30.40 -3.92
CA LYS A 356 30.06 -29.56 -4.42
C LYS A 356 29.71 -28.92 -5.76
N ARG A 357 29.00 -29.67 -6.59
CA ARG A 357 28.59 -29.18 -7.90
C ARG A 357 27.30 -29.87 -8.34
N LEU A 358 26.31 -29.08 -8.72
CA LEU A 358 25.05 -29.62 -9.21
C LEU A 358 24.82 -29.13 -10.62
N GLU A 359 24.46 -30.05 -11.49
CA GLU A 359 24.11 -29.70 -12.85
C GLU A 359 22.73 -30.29 -13.18
N VAL A 360 21.89 -29.45 -13.79
CA VAL A 360 20.55 -29.84 -14.16
C VAL A 360 20.41 -29.53 -15.65
N ARG A 361 20.12 -30.55 -16.45
CA ARG A 361 20.02 -30.39 -17.88
C ARG A 361 18.60 -30.66 -18.32
N LYS A 362 18.10 -29.86 -19.25
CA LYS A 362 16.76 -30.05 -19.76
C LYS A 362 16.70 -29.62 -21.21
N THR A 363 16.16 -30.49 -22.06
CA THR A 363 15.98 -30.17 -23.46
C THR A 363 14.58 -29.58 -23.63
N VAL A 364 14.51 -28.37 -24.18
CA VAL A 364 13.22 -27.71 -24.31
C VAL A 364 12.88 -27.43 -25.76
N THR A 365 11.59 -27.33 -26.03
CA THR A 365 11.12 -27.01 -27.38
C THR A 365 10.72 -25.54 -27.50
N ALA A 366 10.75 -24.83 -26.38
CA ALA A 366 10.40 -23.41 -26.32
C ALA A 366 8.99 -23.20 -26.84
N CYS A 367 8.08 -24.03 -26.33
CA CYS A 367 6.66 -23.99 -26.68
C CYS A 367 6.39 -24.13 -28.19
N LEU A 368 7.16 -24.99 -28.85
CA LEU A 368 6.85 -25.36 -30.23
C LEU A 368 5.39 -25.80 -30.33
N GLY A 369 4.70 -25.30 -31.35
CA GLY A 369 3.33 -25.70 -31.61
C GLY A 369 2.29 -24.97 -30.77
N GLU A 370 2.73 -23.95 -30.05
CA GLU A 370 1.81 -23.18 -29.19
C GLU A 370 1.91 -21.69 -29.54
N PRO A 371 0.93 -20.89 -29.11
CA PRO A 371 0.99 -19.45 -29.40
C PRO A 371 2.18 -18.73 -28.78
N ASN A 372 2.79 -19.29 -27.73
CA ASN A 372 3.94 -18.61 -27.13
C ASN A 372 5.28 -19.18 -27.59
N HIS A 373 5.26 -19.92 -28.70
CA HIS A 373 6.47 -20.42 -29.35
C HIS A 373 7.50 -19.30 -29.54
N ILE A 374 8.72 -19.54 -29.10
CA ILE A 374 9.79 -18.56 -29.27
C ILE A 374 10.97 -19.14 -30.06
N THR A 375 11.36 -18.47 -31.15
CA THR A 375 12.55 -18.87 -31.91
C THR A 375 13.63 -17.81 -31.81
N ARG A 376 13.25 -16.63 -31.34
CA ARG A 376 14.22 -15.57 -31.15
C ARG A 376 14.16 -14.97 -29.74
N LEU A 377 15.09 -15.39 -28.91
CA LEU A 377 15.12 -15.01 -27.50
C LEU A 377 15.36 -13.52 -27.30
N GLU A 378 14.71 -12.95 -26.29
CA GLU A 378 15.12 -11.65 -25.79
C GLU A 378 15.75 -11.90 -24.40
N HIS A 379 14.98 -11.70 -23.33
CA HIS A 379 15.46 -12.06 -21.99
C HIS A 379 15.22 -13.53 -21.67
N ALA A 380 16.05 -14.06 -20.78
CA ALA A 380 15.79 -15.36 -20.17
C ALA A 380 15.90 -15.27 -18.65
N GLN A 381 15.01 -15.96 -17.95
CA GLN A 381 15.09 -16.04 -16.49
C GLN A 381 15.24 -17.49 -16.01
N ALA A 382 16.04 -17.68 -14.97
CA ALA A 382 15.99 -18.89 -14.18
C ALA A 382 15.40 -18.55 -12.81
N ARG A 383 14.19 -19.03 -12.55
CA ARG A 383 13.57 -18.79 -11.26
C ARG A 383 13.94 -19.94 -10.32
N LEU A 384 14.75 -19.66 -9.31
CA LEU A 384 15.28 -20.72 -8.46
C LEU A 384 14.77 -20.63 -7.05
N THR A 385 14.47 -21.79 -6.47
CA THR A 385 14.20 -21.87 -5.05
C THR A 385 15.17 -22.87 -4.47
N LEU A 386 15.96 -22.43 -3.50
CA LEU A 386 16.99 -23.29 -2.93
C LEU A 386 17.32 -22.86 -1.52
N SER A 387 17.82 -23.82 -0.75
CA SER A 387 18.36 -23.51 0.57
C SER A 387 19.81 -23.93 0.59
N TYR A 388 20.60 -23.19 1.36
CA TYR A 388 22.03 -23.44 1.47
C TYR A 388 22.51 -22.87 2.80
N ASN A 389 23.61 -23.39 3.35
CA ASN A 389 24.01 -22.95 4.69
C ASN A 389 24.74 -21.60 4.67
N ARG A 390 25.41 -21.29 3.56
CA ARG A 390 26.08 -20.01 3.38
C ARG A 390 25.91 -19.53 1.94
N ARG A 391 24.94 -18.65 1.74
CA ARG A 391 24.48 -18.26 0.40
C ARG A 391 25.60 -17.77 -0.50
N GLY A 392 26.48 -16.95 0.04
CA GLY A 392 27.52 -16.31 -0.71
C GLY A 392 28.58 -17.23 -1.30
N ASP A 393 28.65 -18.47 -0.84
CA ASP A 393 29.62 -19.39 -1.43
C ASP A 393 29.10 -20.03 -2.73
N LEU A 394 27.82 -19.84 -3.03
CA LEU A 394 27.28 -20.33 -4.31
C LEU A 394 27.72 -19.51 -5.51
N ALA A 395 28.01 -20.20 -6.61
CA ALA A 395 28.08 -19.58 -7.93
C ALA A 395 27.14 -20.36 -8.83
N ILE A 396 26.44 -19.64 -9.70
CA ILE A 396 25.35 -20.22 -10.49
C ILE A 396 25.51 -19.78 -11.94
N HIS A 397 25.54 -20.75 -12.85
CA HIS A 397 25.65 -20.45 -14.28
C HIS A 397 24.51 -21.09 -15.05
N LEU A 398 24.22 -20.48 -16.20
CA LEU A 398 23.19 -20.98 -17.09
C LEU A 398 23.74 -20.99 -18.49
N VAL A 399 23.67 -22.16 -19.15
CA VAL A 399 24.23 -22.32 -20.49
C VAL A 399 23.10 -22.52 -21.49
N SER A 400 23.07 -21.69 -22.53
CA SER A 400 22.05 -21.78 -23.56
C SER A 400 22.36 -22.94 -24.53
N PRO A 401 21.36 -23.40 -25.30
CA PRO A 401 21.63 -24.44 -26.30
C PRO A 401 22.72 -24.07 -27.30
N MET A 402 22.84 -22.80 -27.65
CA MET A 402 23.90 -22.39 -28.56
C MET A 402 25.21 -22.15 -27.79
N GLY A 403 25.25 -22.54 -26.52
CA GLY A 403 26.48 -22.60 -25.76
C GLY A 403 26.93 -21.34 -25.01
N THR A 404 26.04 -20.38 -24.89
CA THR A 404 26.39 -19.12 -24.22
C THR A 404 26.28 -19.30 -22.72
N ARG A 405 27.39 -19.10 -22.02
CA ARG A 405 27.41 -19.28 -20.57
C ARG A 405 27.16 -17.95 -19.83
N SER A 406 26.02 -17.84 -19.17
CA SER A 406 25.71 -16.67 -18.34
C SER A 406 26.01 -16.99 -16.90
N THR A 407 26.72 -16.07 -16.25
CA THR A 407 26.90 -16.15 -14.80
C THR A 407 25.70 -15.50 -14.12
N LEU A 408 24.78 -16.33 -13.64
CA LEU A 408 23.61 -15.83 -12.94
C LEU A 408 23.96 -15.29 -11.55
N LEU A 409 24.95 -15.90 -10.90
CA LEU A 409 25.44 -15.45 -9.58
C LEU A 409 26.91 -15.81 -9.40
N ALA A 410 27.75 -14.82 -9.15
CA ALA A 410 29.13 -15.10 -8.71
C ALA A 410 29.17 -15.15 -7.19
N ALA A 411 30.22 -15.75 -6.63
CA ALA A 411 30.36 -15.82 -5.18
C ALA A 411 30.33 -14.41 -4.58
N ARG A 412 29.65 -14.27 -3.47
CA ARG A 412 29.60 -13.00 -2.75
C ARG A 412 30.16 -13.24 -1.36
N PRO A 413 31.42 -12.84 -1.16
CA PRO A 413 32.15 -13.17 0.07
C PRO A 413 31.50 -12.62 1.33
N HIS A 414 30.79 -11.50 1.27
CA HIS A 414 30.15 -10.93 2.46
C HIS A 414 28.80 -11.57 2.79
N ASP A 415 28.25 -12.37 1.86
CA ASP A 415 26.90 -12.88 2.02
C ASP A 415 26.88 -14.22 2.75
N TYR A 416 26.67 -14.15 4.06
CA TYR A 416 26.68 -15.34 4.93
C TYR A 416 25.25 -15.75 5.29
N SER A 417 24.28 -15.26 4.53
CA SER A 417 22.87 -15.51 4.84
C SER A 417 22.52 -16.99 4.78
N ALA A 418 21.63 -17.41 5.67
CA ALA A 418 21.12 -18.78 5.64
C ALA A 418 19.76 -18.88 4.90
N ASP A 419 19.31 -17.77 4.32
CA ASP A 419 17.98 -17.69 3.72
C ASP A 419 17.82 -18.31 2.34
N GLY A 420 18.94 -18.57 1.67
CA GLY A 420 18.91 -19.12 0.33
C GLY A 420 18.16 -18.21 -0.64
N PHE A 421 17.46 -18.81 -1.59
CA PHE A 421 16.66 -18.06 -2.56
C PHE A 421 15.24 -18.58 -2.62
N ASN A 422 14.28 -17.67 -2.54
CA ASN A 422 12.88 -18.07 -2.60
C ASN A 422 12.19 -17.58 -3.89
N ASP A 423 12.15 -18.46 -4.89
CA ASP A 423 11.58 -18.17 -6.20
C ASP A 423 12.13 -16.84 -6.74
N TRP A 424 13.46 -16.74 -6.73
CA TRP A 424 14.18 -15.56 -7.20
C TRP A 424 14.48 -15.70 -8.69
N ALA A 425 14.12 -14.68 -9.45
CA ALA A 425 14.34 -14.71 -10.89
C ALA A 425 15.69 -14.11 -11.27
N PHE A 426 16.67 -14.96 -11.58
CA PHE A 426 17.94 -14.51 -12.12
C PHE A 426 17.77 -14.25 -13.60
N MET A 427 18.20 -13.10 -14.09
CA MET A 427 17.95 -12.77 -15.50
C MET A 427 19.24 -12.60 -16.31
N THR A 428 19.22 -13.08 -17.55
CA THR A 428 20.37 -12.84 -18.42
C THR A 428 19.94 -12.22 -19.74
N THR A 429 20.73 -11.25 -20.20
CA THR A 429 20.53 -10.61 -21.49
C THR A 429 21.46 -11.20 -22.54
N HIS A 430 22.31 -12.15 -22.13
CA HIS A 430 23.45 -12.53 -22.95
C HIS A 430 23.11 -13.47 -24.12
N SER A 431 21.93 -14.07 -24.12
CA SER A 431 21.50 -14.92 -25.23
C SER A 431 20.45 -14.25 -26.12
N TRP A 432 20.42 -12.93 -26.10
CA TRP A 432 19.51 -12.16 -26.92
C TRP A 432 19.69 -12.52 -28.41
N ASP A 433 18.57 -12.81 -29.08
CA ASP A 433 18.49 -13.17 -30.51
C ASP A 433 18.90 -14.62 -30.81
N GLU A 434 19.31 -15.39 -29.81
CA GLU A 434 19.57 -16.80 -30.02
C GLU A 434 18.26 -17.60 -30.20
N ASP A 435 18.33 -18.75 -30.85
CA ASP A 435 17.23 -19.72 -30.79
C ASP A 435 17.33 -20.47 -29.46
N PRO A 436 16.27 -20.42 -28.65
CA PRO A 436 16.31 -21.07 -27.32
C PRO A 436 15.88 -22.54 -27.29
N SER A 437 15.59 -23.14 -28.45
CA SER A 437 15.23 -24.57 -28.45
C SER A 437 16.49 -25.43 -28.31
N GLY A 438 16.39 -26.52 -27.56
CA GLY A 438 17.54 -27.40 -27.34
C GLY A 438 17.84 -27.56 -25.86
N GLU A 439 19.07 -27.93 -25.53
CA GLU A 439 19.41 -28.24 -24.15
C GLU A 439 19.95 -27.04 -23.37
N TRP A 440 19.26 -26.69 -22.29
CA TRP A 440 19.77 -25.71 -21.35
C TRP A 440 20.46 -26.44 -20.21
N VAL A 441 21.50 -25.84 -19.65
CA VAL A 441 22.14 -26.41 -18.48
C VAL A 441 22.27 -25.40 -17.35
N LEU A 442 21.74 -25.73 -16.18
CA LEU A 442 21.96 -24.93 -14.98
C LEU A 442 23.07 -25.57 -14.16
N GLU A 443 24.05 -24.76 -13.78
CA GLU A 443 25.17 -25.19 -12.95
C GLU A 443 25.16 -24.45 -11.61
N ILE A 444 25.17 -25.19 -10.51
CA ILE A 444 25.26 -24.62 -9.18
C ILE A 444 26.46 -25.22 -8.44
N GLU A 445 27.38 -24.38 -7.97
CA GLU A 445 28.57 -24.91 -7.34
C GLU A 445 28.95 -24.23 -6.03
N ASN A 446 29.53 -25.04 -5.14
CA ASN A 446 30.10 -24.56 -3.90
C ASN A 446 31.52 -24.10 -4.16
N THR A 447 31.75 -22.79 -4.10
CA THR A 447 33.07 -22.26 -4.43
C THR A 447 34.01 -22.28 -3.23
N SER A 448 33.53 -22.79 -2.10
CA SER A 448 34.35 -22.80 -0.89
C SER A 448 34.85 -24.21 -0.57
N GLU A 449 35.98 -24.30 0.13
CA GLU A 449 36.47 -25.57 0.66
C GLU A 449 35.55 -26.14 1.72
N ALA A 450 34.78 -25.27 2.37
CA ALA A 450 33.97 -25.73 3.50
C ALA A 450 32.96 -26.79 3.07
N ASN A 451 32.54 -27.61 4.03
CA ASN A 451 31.56 -28.64 3.80
C ASN A 451 30.15 -28.06 3.77
N ASN A 452 29.93 -27.11 2.85
CA ASN A 452 28.63 -26.48 2.69
C ASN A 452 27.61 -27.47 2.15
N TYR A 453 26.33 -27.20 2.34
CA TYR A 453 25.28 -28.13 1.96
C TYR A 453 23.95 -27.43 1.75
N GLY A 454 23.10 -28.03 0.92
CA GLY A 454 21.74 -27.55 0.75
C GLY A 454 21.01 -28.23 -0.39
N THR A 455 19.86 -27.66 -0.76
CA THR A 455 18.93 -28.30 -1.68
C THR A 455 18.25 -27.32 -2.67
N LEU A 456 18.27 -27.66 -3.96
CA LEU A 456 17.48 -26.98 -4.98
C LEU A 456 16.07 -27.59 -5.05
N THR A 457 15.05 -26.81 -4.68
CA THR A 457 13.70 -27.37 -4.69
C THR A 457 12.83 -26.89 -5.84
N LYS A 458 13.29 -25.89 -6.60
CA LYS A 458 12.56 -25.47 -7.80
C LYS A 458 13.45 -24.75 -8.81
N PHE A 459 13.27 -25.08 -10.08
CA PHE A 459 13.96 -24.43 -11.18
C PHE A 459 12.93 -24.24 -12.28
N THR A 460 12.55 -22.99 -12.51
CA THR A 460 11.66 -22.65 -13.60
C THR A 460 12.45 -21.86 -14.63
N LEU A 461 12.44 -22.32 -15.87
CA LEU A 461 13.09 -21.57 -16.96
C LEU A 461 12.03 -20.73 -17.66
N VAL A 462 12.24 -19.42 -17.68
CA VAL A 462 11.31 -18.52 -18.35
C VAL A 462 11.99 -17.84 -19.56
N LEU A 463 11.42 -18.09 -20.74
CA LEU A 463 11.92 -17.51 -21.99
C LEU A 463 11.00 -16.40 -22.49
N TYR A 464 11.60 -15.29 -22.91
CA TYR A 464 10.87 -14.19 -23.53
C TYR A 464 11.37 -14.01 -24.95
N GLY A 465 10.47 -13.66 -25.87
CA GLY A 465 10.90 -13.37 -27.22
C GLY A 465 9.79 -13.41 -28.25
N THR A 466 10.19 -13.70 -29.48
CA THR A 466 9.29 -13.70 -30.63
C THR A 466 9.55 -14.92 -31.51
N ALA A 467 8.71 -15.14 -32.51
CA ALA A 467 8.94 -16.16 -33.51
C ALA A 467 9.32 -15.50 -34.83
N SER A 468 10.43 -15.94 -35.41
CA SER A 468 10.92 -15.28 -36.61
C SER A 468 11.74 -16.23 -37.46
N GLY A 469 12.50 -15.68 -38.39
CA GLY A 469 13.31 -16.48 -39.28
C GLY A 469 14.63 -16.94 -38.70
N SER A 470 15.39 -17.65 -39.51
CA SER A 470 16.70 -18.13 -39.08
C SER A 470 17.78 -17.08 -39.28
N LEU A 471 18.68 -16.95 -38.31
CA LEU A 471 19.84 -16.05 -38.44
C LEU A 471 21.10 -16.79 -38.89
N ASP B 1 -22.39 50.35 3.78
CA ASP B 1 -22.38 49.61 2.53
C ASP B 1 -23.56 48.67 2.46
N VAL B 2 -23.98 48.38 1.23
CA VAL B 2 -25.10 47.51 0.96
C VAL B 2 -24.61 46.36 0.09
N TYR B 3 -24.78 45.13 0.54
CA TYR B 3 -24.38 43.97 -0.24
C TYR B 3 -25.49 43.57 -1.22
N GLN B 4 -25.10 43.30 -2.48
N GLN B 4 -25.12 43.29 -2.47
CA GLN B 4 -26.04 42.79 -3.48
CA GLN B 4 -26.09 42.81 -3.44
C GLN B 4 -25.91 41.28 -3.59
C GLN B 4 -25.92 41.30 -3.62
N GLU B 5 -27.00 40.55 -3.42
CA GLU B 5 -26.96 39.10 -3.54
C GLU B 5 -26.70 38.68 -5.00
N PRO B 6 -26.24 37.44 -5.21
CA PRO B 6 -25.91 36.98 -6.56
C PRO B 6 -27.07 37.12 -7.53
N THR B 7 -26.74 37.35 -8.79
CA THR B 7 -27.72 37.54 -9.85
C THR B 7 -27.97 36.27 -10.67
N ASP B 8 -27.30 35.17 -10.33
CA ASP B 8 -27.32 33.99 -11.20
C ASP B 8 -28.73 33.46 -11.43
N PRO B 9 -29.01 32.98 -12.64
CA PRO B 9 -30.38 32.62 -13.03
C PRO B 9 -31.03 31.57 -12.14
N LYS B 10 -30.24 30.65 -11.59
CA LYS B 10 -30.80 29.62 -10.71
C LYS B 10 -30.69 29.93 -9.23
N PHE B 11 -30.06 31.05 -8.87
CA PHE B 11 -29.98 31.40 -7.45
C PHE B 11 -31.35 31.43 -6.78
N PRO B 12 -32.39 31.98 -7.45
CA PRO B 12 -33.66 31.94 -6.71
C PRO B 12 -34.15 30.51 -6.43
N GLN B 13 -33.68 29.53 -7.20
CA GLN B 13 -34.05 28.14 -6.93
C GLN B 13 -33.20 27.51 -5.81
N GLN B 14 -32.20 28.24 -5.31
CA GLN B 14 -31.33 27.71 -4.26
C GLN B 14 -31.91 28.10 -2.89
N TRP B 15 -33.06 27.48 -2.60
CA TRP B 15 -33.83 27.71 -1.39
C TRP B 15 -33.03 27.51 -0.09
N TYR B 16 -32.04 26.63 -0.14
CA TYR B 16 -31.27 26.26 1.05
C TYR B 16 -30.22 27.32 1.39
N LEU B 17 -29.87 28.15 0.41
CA LEU B 17 -28.89 29.20 0.64
C LEU B 17 -29.55 30.41 1.24
N SER B 18 -30.54 30.92 0.53
CA SER B 18 -31.30 32.07 0.97
C SER B 18 -32.78 31.86 0.66
N GLY B 19 -33.60 32.02 1.68
CA GLY B 19 -35.03 31.96 1.54
C GLY B 19 -35.52 33.06 2.46
N VAL B 20 -36.82 33.21 2.57
CA VAL B 20 -37.36 34.29 3.37
C VAL B 20 -38.26 33.76 4.46
N THR B 21 -38.01 32.52 4.88
CA THR B 21 -38.82 31.92 5.94
C THR B 21 -37.95 31.38 7.08
N GLN B 22 -36.73 31.89 7.20
CA GLN B 22 -35.85 31.55 8.32
C GLN B 22 -35.54 30.05 8.37
N ARG B 23 -35.62 29.40 7.22
CA ARG B 23 -35.40 27.95 7.11
C ARG B 23 -34.40 27.67 5.98
N ASP B 24 -33.19 28.17 6.19
CA ASP B 24 -32.08 28.01 5.26
C ASP B 24 -30.78 27.94 6.04
N LEU B 25 -29.67 27.90 5.30
CA LEU B 25 -28.34 27.78 5.90
C LEU B 25 -27.76 29.12 6.38
N ASN B 26 -28.53 30.19 6.23
CA ASN B 26 -28.14 31.52 6.69
C ASN B 26 -26.82 31.97 6.08
N VAL B 27 -26.64 31.69 4.79
CA VAL B 27 -25.37 31.97 4.13
C VAL B 27 -25.27 33.44 3.71
N LYS B 28 -26.41 34.03 3.35
CA LYS B 28 -26.41 35.40 2.87
C LYS B 28 -25.86 36.34 3.94
N ALA B 29 -26.14 36.05 5.21
CA ALA B 29 -25.60 36.86 6.29
C ALA B 29 -24.05 36.86 6.33
N ALA B 30 -23.44 35.72 6.02
CA ALA B 30 -21.98 35.63 5.93
C ALA B 30 -21.44 36.40 4.71
N TRP B 31 -22.03 36.15 3.55
CA TRP B 31 -21.68 36.87 2.33
C TRP B 31 -21.68 38.39 2.54
N ALA B 32 -22.75 38.87 3.13
CA ALA B 32 -22.98 40.31 3.28
C ALA B 32 -21.93 40.95 4.19
N GLN B 33 -21.31 40.17 5.08
CA GLN B 33 -20.24 40.69 5.93
C GLN B 33 -18.88 40.57 5.26
N GLY B 34 -18.86 40.11 4.00
CA GLY B 34 -17.65 40.03 3.24
C GLY B 34 -17.03 38.63 3.16
N TYR B 35 -17.70 37.62 3.69
CA TYR B 35 -17.10 36.28 3.70
C TYR B 35 -17.71 35.43 2.60
N THR B 36 -16.92 35.21 1.55
CA THR B 36 -17.39 34.46 0.38
C THR B 36 -16.41 33.38 -0.03
N GLY B 37 -15.35 33.20 0.76
CA GLY B 37 -14.41 32.14 0.50
C GLY B 37 -13.05 32.55 -0.06
N HIS B 38 -12.79 33.87 -0.16
N HIS B 38 -12.79 33.86 -0.19
CA HIS B 38 -11.51 34.36 -0.69
CA HIS B 38 -11.52 34.31 -0.77
C HIS B 38 -10.33 33.70 0.02
C HIS B 38 -10.33 33.74 -0.02
N GLY B 39 -9.40 33.16 -0.76
CA GLY B 39 -8.17 32.61 -0.19
C GLY B 39 -8.26 31.19 0.34
N ILE B 40 -9.46 30.60 0.34
CA ILE B 40 -9.63 29.26 0.86
C ILE B 40 -9.64 28.25 -0.30
N VAL B 41 -9.09 27.06 -0.05
CA VAL B 41 -8.96 26.04 -1.09
C VAL B 41 -9.65 24.74 -0.65
N VAL B 42 -10.61 24.28 -1.45
CA VAL B 42 -11.35 23.07 -1.15
C VAL B 42 -11.11 22.03 -2.25
N SER B 43 -11.04 20.75 -1.88
CA SER B 43 -10.97 19.70 -2.91
C SER B 43 -12.03 18.62 -2.69
N ILE B 44 -12.67 18.24 -3.79
CA ILE B 44 -13.67 17.17 -3.83
C ILE B 44 -13.03 15.82 -4.16
N LEU B 45 -13.08 14.86 -3.24
CA LEU B 45 -12.54 13.53 -3.51
C LEU B 45 -13.70 12.66 -4.02
N ASP B 46 -13.66 12.33 -5.30
CA ASP B 46 -14.80 11.70 -5.94
C ASP B 46 -14.40 11.08 -7.28
N ASP B 47 -15.28 11.17 -8.27
CA ASP B 47 -15.03 10.54 -9.57
C ASP B 47 -14.45 11.52 -10.57
N GLY B 48 -13.99 12.66 -10.07
CA GLY B 48 -13.41 13.67 -10.92
C GLY B 48 -14.19 14.99 -10.90
N ILE B 49 -13.64 16.01 -11.56
CA ILE B 49 -14.29 17.30 -11.65
C ILE B 49 -14.15 17.86 -13.07
N GLU B 50 -15.26 18.33 -13.64
CA GLU B 50 -15.24 18.93 -14.97
C GLU B 50 -14.65 20.33 -14.87
N LYS B 51 -13.34 20.41 -14.94
CA LYS B 51 -12.61 21.64 -14.64
C LYS B 51 -12.90 22.76 -15.65
N ASN B 52 -13.41 22.39 -16.82
CA ASN B 52 -13.77 23.38 -17.83
C ASN B 52 -15.25 23.78 -17.82
N HIS B 53 -16.01 23.30 -16.85
CA HIS B 53 -17.42 23.68 -16.72
C HIS B 53 -17.54 25.21 -16.64
N PRO B 54 -18.50 25.79 -17.37
CA PRO B 54 -18.63 27.26 -17.35
C PRO B 54 -18.91 27.85 -15.95
N ASP B 55 -19.39 27.05 -15.00
CA ASP B 55 -19.60 27.58 -13.65
C ASP B 55 -18.52 27.10 -12.68
N LEU B 56 -17.51 26.36 -13.18
CA LEU B 56 -16.39 25.93 -12.32
C LEU B 56 -15.04 26.53 -12.74
N ALA B 57 -14.85 26.74 -14.04
CA ALA B 57 -13.54 27.08 -14.57
C ALA B 57 -12.90 28.28 -13.87
N GLY B 58 -13.69 29.32 -13.62
CA GLY B 58 -13.18 30.50 -12.96
C GLY B 58 -12.64 30.31 -11.55
N ASN B 59 -13.08 29.25 -10.87
CA ASN B 59 -12.56 28.97 -9.53
C ASN B 59 -11.63 27.76 -9.47
N TYR B 60 -11.40 27.13 -10.62
CA TYR B 60 -10.66 25.87 -10.65
C TYR B 60 -9.21 26.03 -10.25
N ASP B 61 -8.73 25.12 -9.39
CA ASP B 61 -7.37 25.17 -8.89
C ASP B 61 -6.65 23.85 -9.19
N PRO B 62 -5.75 23.87 -10.18
CA PRO B 62 -5.03 22.62 -10.52
C PRO B 62 -4.14 22.13 -9.37
N GLY B 63 -3.64 23.03 -8.53
CA GLY B 63 -2.81 22.64 -7.40
C GLY B 63 -3.58 21.90 -6.33
N ALA B 64 -4.91 22.05 -6.35
CA ALA B 64 -5.80 21.36 -5.43
C ALA B 64 -6.37 20.09 -6.07
N SER B 65 -5.78 19.69 -7.20
CA SER B 65 -6.33 18.57 -7.98
C SER B 65 -5.31 17.50 -8.32
N PHE B 66 -5.79 16.27 -8.43
CA PHE B 66 -4.96 15.19 -8.98
C PHE B 66 -5.84 14.05 -9.46
N ASP B 67 -5.32 13.26 -10.40
CA ASP B 67 -6.02 12.06 -10.83
C ASP B 67 -5.28 10.87 -10.25
N VAL B 68 -5.78 10.35 -9.13
CA VAL B 68 -5.15 9.22 -8.44
C VAL B 68 -5.39 7.90 -9.19
N ASN B 69 -6.52 7.79 -9.87
CA ASN B 69 -6.83 6.57 -10.62
C ASN B 69 -5.92 6.33 -11.82
N ASP B 70 -5.59 7.37 -12.57
CA ASP B 70 -4.73 7.21 -13.74
C ASP B 70 -3.36 7.82 -13.50
N GLN B 71 -3.16 8.32 -12.28
CA GLN B 71 -1.88 8.88 -11.84
C GLN B 71 -1.37 10.01 -12.74
N ASP B 72 -2.24 10.98 -13.00
CA ASP B 72 -1.86 12.16 -13.76
C ASP B 72 -2.44 13.42 -13.08
N PRO B 73 -2.00 14.62 -13.48
CA PRO B 73 -2.46 15.87 -12.83
C PRO B 73 -3.90 16.31 -13.15
N ASP B 74 -4.54 15.65 -14.10
CA ASP B 74 -5.79 16.11 -14.68
C ASP B 74 -6.99 15.27 -14.24
N PRO B 75 -7.84 15.81 -13.34
CA PRO B 75 -8.96 15.08 -12.75
C PRO B 75 -10.25 15.08 -13.60
N GLN B 76 -10.14 15.39 -14.89
CA GLN B 76 -11.32 15.40 -15.77
C GLN B 76 -12.07 14.06 -15.66
N PRO B 77 -13.39 14.11 -15.54
CA PRO B 77 -14.18 12.88 -15.45
C PRO B 77 -14.10 12.06 -16.74
N ARG B 78 -14.24 10.74 -16.62
CA ARG B 78 -14.28 9.85 -17.77
C ARG B 78 -15.69 9.91 -18.35
N TYR B 79 -15.81 10.22 -19.65
CA TYR B 79 -17.14 10.37 -20.26
C TYR B 79 -17.68 9.02 -20.72
N THR B 80 -18.94 8.78 -20.37
CA THR B 80 -19.64 7.54 -20.68
C THR B 80 -21.06 7.87 -21.12
N GLN B 81 -21.76 6.88 -21.68
CA GLN B 81 -23.10 7.14 -22.21
C GLN B 81 -24.09 7.55 -21.14
N MET B 82 -23.98 6.98 -19.96
CA MET B 82 -24.95 7.21 -18.91
C MET B 82 -24.46 8.24 -17.88
N ASN B 83 -23.38 8.93 -18.21
CA ASN B 83 -22.83 9.96 -17.32
C ASN B 83 -22.60 9.47 -15.89
N ASP B 84 -22.05 8.26 -15.79
CA ASP B 84 -21.73 7.66 -14.50
C ASP B 84 -20.82 8.56 -13.64
N ASN B 85 -19.90 9.29 -14.26
CA ASN B 85 -18.89 9.99 -13.47
C ASN B 85 -19.21 11.48 -13.22
N ARG B 86 -20.45 11.75 -12.85
CA ARG B 86 -20.94 13.11 -12.68
C ARG B 86 -20.96 13.57 -11.21
N HIS B 87 -20.71 12.63 -10.29
CA HIS B 87 -20.97 12.85 -8.86
C HIS B 87 -20.05 13.95 -8.29
N GLY B 88 -18.76 13.89 -8.64
CA GLY B 88 -17.82 14.88 -8.15
C GLY B 88 -18.09 16.28 -8.66
N THR B 89 -18.48 16.37 -9.92
CA THR B 89 -18.77 17.67 -10.53
C THR B 89 -19.96 18.34 -9.83
N ARG B 90 -20.98 17.54 -9.49
CA ARG B 90 -22.14 18.09 -8.78
C ARG B 90 -21.76 18.60 -7.38
N CYS B 91 -20.91 17.84 -6.67
CA CYS B 91 -20.45 18.29 -5.36
C CYS B 91 -19.62 19.59 -5.47
N ALA B 92 -18.75 19.69 -6.47
CA ALA B 92 -17.89 20.87 -6.63
C ALA B 92 -18.70 22.16 -6.77
N GLY B 93 -19.76 22.10 -7.55
CA GLY B 93 -20.63 23.24 -7.77
C GLY B 93 -21.27 23.74 -6.49
N GLU B 94 -21.60 22.83 -5.60
CA GLU B 94 -22.22 23.22 -4.36
C GLU B 94 -21.29 24.05 -3.50
N VAL B 95 -20.02 23.68 -3.49
CA VAL B 95 -18.99 24.40 -2.74
C VAL B 95 -18.67 25.76 -3.37
N ALA B 96 -18.40 25.77 -4.67
CA ALA B 96 -17.73 26.93 -5.27
C ALA B 96 -18.08 27.22 -6.73
N ALA B 97 -19.32 26.94 -7.14
CA ALA B 97 -19.76 27.43 -8.44
C ALA B 97 -19.61 28.94 -8.44
N VAL B 98 -19.08 29.47 -9.54
CA VAL B 98 -18.87 30.91 -9.73
C VAL B 98 -20.17 31.71 -9.60
N ALA B 99 -20.12 32.85 -8.91
CA ALA B 99 -21.31 33.71 -8.79
C ALA B 99 -21.28 34.87 -9.78
N ASN B 100 -22.45 35.46 -10.01
CA ASN B 100 -22.57 36.68 -10.81
C ASN B 100 -21.95 36.56 -12.21
N ASN B 101 -22.18 35.43 -12.88
CA ASN B 101 -21.59 35.20 -14.19
C ASN B 101 -22.60 34.74 -15.22
N GLY B 102 -23.89 34.83 -14.89
CA GLY B 102 -24.94 34.52 -15.83
C GLY B 102 -25.22 33.05 -16.05
N VAL B 103 -24.61 32.21 -15.23
CA VAL B 103 -24.67 30.76 -15.46
C VAL B 103 -25.18 30.03 -14.22
N CYS B 104 -26.11 29.09 -14.40
CA CYS B 104 -26.58 28.21 -13.32
C CYS B 104 -26.81 28.94 -11.98
N GLY B 105 -26.24 28.43 -10.90
CA GLY B 105 -26.42 29.04 -9.58
C GLY B 105 -25.12 29.50 -8.97
N VAL B 106 -25.00 29.45 -7.64
CA VAL B 106 -23.77 29.86 -6.97
C VAL B 106 -23.34 28.83 -5.93
N GLY B 107 -22.03 28.75 -5.70
CA GLY B 107 -21.49 28.01 -4.56
C GLY B 107 -21.72 28.74 -3.25
N VAL B 108 -21.72 27.99 -2.15
CA VAL B 108 -21.67 28.58 -0.81
C VAL B 108 -20.46 29.50 -0.64
N ALA B 109 -19.29 28.99 -1.02
CA ALA B 109 -18.05 29.77 -1.00
C ALA B 109 -17.67 30.13 -2.44
N TYR B 110 -18.44 31.03 -3.05
CA TYR B 110 -18.31 31.24 -4.48
C TYR B 110 -17.03 32.00 -4.90
N ASN B 111 -16.24 32.46 -3.94
CA ASN B 111 -14.91 32.99 -4.23
C ASN B 111 -13.75 32.11 -3.74
N ALA B 112 -14.05 30.93 -3.23
CA ALA B 112 -12.99 29.98 -2.90
C ALA B 112 -12.40 29.39 -4.18
N ARG B 113 -11.28 28.72 -4.07
CA ARG B 113 -10.76 27.92 -5.18
C ARG B 113 -11.11 26.45 -4.94
N ILE B 114 -11.44 25.74 -6.03
CA ILE B 114 -11.98 24.40 -5.93
C ILE B 114 -11.14 23.45 -6.77
N GLY B 115 -10.79 22.31 -6.19
CA GLY B 115 -10.11 21.26 -6.93
C GLY B 115 -10.88 19.95 -6.86
N GLY B 116 -10.39 18.94 -7.55
CA GLY B 116 -10.99 17.63 -7.47
C GLY B 116 -9.94 16.54 -7.49
N VAL B 117 -10.18 15.49 -6.71
CA VAL B 117 -9.33 14.31 -6.80
C VAL B 117 -10.13 13.18 -7.40
N ARG B 118 -9.74 12.77 -8.60
CA ARG B 118 -10.36 11.64 -9.25
C ARG B 118 -9.79 10.37 -8.61
N MET B 119 -10.58 9.71 -7.78
CA MET B 119 -10.10 8.53 -7.08
C MET B 119 -11.10 7.39 -6.93
N LEU B 120 -12.38 7.60 -7.29
CA LEU B 120 -13.40 6.56 -7.24
C LEU B 120 -13.53 5.77 -8.55
N ASP B 121 -12.97 6.29 -9.64
CA ASP B 121 -13.16 5.69 -10.97
C ASP B 121 -12.01 4.75 -11.32
N GLY B 122 -11.85 3.72 -10.49
CA GLY B 122 -10.78 2.75 -10.61
C GLY B 122 -10.79 1.92 -9.33
N GLU B 123 -9.88 0.97 -9.20
CA GLU B 123 -9.77 0.20 -7.95
C GLU B 123 -9.53 1.14 -6.77
N VAL B 124 -10.44 1.17 -5.81
CA VAL B 124 -10.26 2.05 -4.66
C VAL B 124 -9.57 1.30 -3.54
N THR B 125 -8.25 1.22 -3.63
CA THR B 125 -7.43 0.56 -2.63
C THR B 125 -7.11 1.47 -1.47
N ASP B 126 -6.55 0.89 -0.41
CA ASP B 126 -6.08 1.65 0.73
C ASP B 126 -5.09 2.73 0.27
N ALA B 127 -4.15 2.38 -0.60
CA ALA B 127 -3.17 3.34 -1.10
C ALA B 127 -3.84 4.47 -1.89
N VAL B 128 -4.86 4.15 -2.66
CA VAL B 128 -5.57 5.16 -3.45
C VAL B 128 -6.26 6.16 -2.51
N GLU B 129 -6.93 5.68 -1.48
CA GLU B 129 -7.55 6.56 -0.49
C GLU B 129 -6.53 7.44 0.22
N ALA B 130 -5.44 6.84 0.67
CA ALA B 130 -4.39 7.60 1.36
C ALA B 130 -3.80 8.73 0.50
N ARG B 131 -3.60 8.45 -0.79
CA ARG B 131 -3.04 9.45 -1.69
C ARG B 131 -4.02 10.59 -1.91
N SER B 132 -5.30 10.30 -1.75
CA SER B 132 -6.35 11.30 -1.95
C SER B 132 -6.51 12.20 -0.72
N LEU B 133 -6.62 11.57 0.43
CA LEU B 133 -6.73 12.28 1.71
C LEU B 133 -5.49 13.13 2.02
N GLY B 134 -4.33 12.68 1.56
CA GLY B 134 -3.10 13.36 1.91
C GLY B 134 -2.55 14.31 0.86
N LEU B 135 -3.36 14.64 -0.16
CA LEU B 135 -2.86 15.44 -1.26
C LEU B 135 -2.59 16.90 -0.88
N ASN B 136 -1.36 17.34 -1.10
CA ASN B 136 -0.99 18.76 -1.00
C ASN B 136 -1.60 19.48 0.22
N PRO B 137 -1.35 18.96 1.45
CA PRO B 137 -2.05 19.42 2.65
C PRO B 137 -1.65 20.79 3.15
N ASN B 138 -0.59 21.38 2.60
CA ASN B 138 -0.30 22.76 2.93
C ASN B 138 -0.90 23.77 1.92
N HIS B 139 -1.66 23.26 0.96
CA HIS B 139 -2.31 24.09 -0.05
C HIS B 139 -3.83 23.96 0.05
N ILE B 140 -4.31 22.72 0.09
CA ILE B 140 -5.72 22.41 0.29
C ILE B 140 -6.11 22.55 1.77
N HIS B 141 -7.12 23.35 2.07
CA HIS B 141 -7.52 23.52 3.48
C HIS B 141 -8.57 22.48 3.91
N ILE B 142 -9.50 22.19 3.01
CA ILE B 142 -10.70 21.41 3.33
C ILE B 142 -10.90 20.33 2.28
N TYR B 143 -11.14 19.11 2.74
CA TYR B 143 -11.40 17.97 1.86
C TYR B 143 -12.85 17.54 2.03
N SER B 144 -13.54 17.36 0.91
CA SER B 144 -14.94 16.94 0.98
C SER B 144 -15.11 15.56 0.35
N ALA B 145 -15.63 14.61 1.11
CA ALA B 145 -15.81 13.26 0.56
C ALA B 145 -17.24 12.75 0.75
N SER B 146 -17.92 12.50 -0.36
CA SER B 146 -19.29 12.00 -0.37
C SER B 146 -19.30 10.57 -0.88
N TRP B 147 -18.64 9.70 -0.13
CA TRP B 147 -18.56 8.30 -0.48
C TRP B 147 -18.19 7.52 0.77
N GLY B 148 -18.31 6.20 0.70
CA GLY B 148 -17.93 5.34 1.80
C GLY B 148 -18.29 3.90 1.54
N PRO B 149 -18.24 3.07 2.58
CA PRO B 149 -18.63 1.65 2.49
C PRO B 149 -20.08 1.51 2.06
N GLU B 150 -20.38 0.39 1.42
CA GLU B 150 -21.72 0.13 0.93
C GLU B 150 -22.81 0.39 1.97
N ASP B 151 -23.85 1.10 1.55
CA ASP B 151 -24.92 1.51 2.45
C ASP B 151 -26.07 0.49 2.45
N ASP B 152 -25.73 -0.79 2.50
CA ASP B 152 -26.76 -1.83 2.39
C ASP B 152 -27.32 -2.27 3.74
N GLY B 153 -26.79 -1.70 4.81
CA GLY B 153 -27.25 -2.02 6.15
C GLY B 153 -26.75 -3.38 6.64
N LYS B 154 -25.69 -3.88 6.01
CA LYS B 154 -25.10 -5.18 6.35
C LYS B 154 -23.59 -5.08 6.60
N THR B 155 -23.02 -3.92 6.30
CA THR B 155 -21.58 -3.77 6.23
C THR B 155 -20.97 -3.06 7.45
N VAL B 156 -19.78 -3.51 7.85
CA VAL B 156 -18.96 -2.83 8.83
C VAL B 156 -17.57 -2.70 8.22
N ASP B 157 -17.13 -1.46 7.97
CA ASP B 157 -15.87 -1.26 7.30
C ASP B 157 -15.46 0.19 7.49
N GLY B 158 -14.17 0.45 7.42
CA GLY B 158 -13.62 1.78 7.59
C GLY B 158 -12.25 1.83 6.96
N PRO B 159 -11.51 2.92 7.20
CA PRO B 159 -10.18 3.07 6.60
C PRO B 159 -9.23 1.98 7.06
N ALA B 160 -8.44 1.45 6.13
CA ALA B 160 -7.32 0.60 6.46
C ALA B 160 -6.10 1.44 6.82
N ARG B 161 -4.95 0.77 6.98
CA ARG B 161 -3.79 1.39 7.62
C ARG B 161 -3.25 2.65 6.92
N LEU B 162 -3.16 2.63 5.60
CA LEU B 162 -2.57 3.79 4.92
C LEU B 162 -3.51 4.99 4.98
N ALA B 163 -4.81 4.77 4.80
CA ALA B 163 -5.79 5.85 4.91
C ALA B 163 -5.83 6.43 6.33
N GLU B 164 -5.77 5.55 7.32
CA GLU B 164 -5.76 5.99 8.71
C GLU B 164 -4.54 6.86 8.97
N GLU B 165 -3.40 6.42 8.44
CA GLU B 165 -2.17 7.18 8.52
C GLU B 165 -2.33 8.56 7.85
N ALA B 166 -3.01 8.61 6.70
CA ALA B 166 -3.21 9.87 6.00
C ALA B 166 -4.11 10.83 6.80
N PHE B 167 -5.18 10.30 7.39
CA PHE B 167 -6.03 11.12 8.25
C PHE B 167 -5.19 11.75 9.36
N PHE B 168 -4.39 10.94 10.05
CA PHE B 168 -3.65 11.42 11.20
C PHE B 168 -2.58 12.43 10.81
N ARG B 169 -1.85 12.13 9.74
CA ARG B 169 -0.90 13.09 9.16
C ARG B 169 -1.60 14.41 8.82
N GLY B 170 -2.81 14.32 8.26
CA GLY B 170 -3.58 15.49 7.90
C GLY B 170 -3.88 16.40 9.08
N VAL B 171 -4.46 15.87 10.16
CA VAL B 171 -4.83 16.72 11.29
C VAL B 171 -3.58 17.13 12.08
N SER B 172 -2.50 16.36 11.99
CA SER B 172 -1.28 16.71 12.72
C SER B 172 -0.32 17.65 11.94
N GLN B 173 -0.27 17.53 10.61
CA GLN B 173 0.65 18.35 9.79
C GLN B 173 -0.01 19.28 8.77
N GLY B 174 -1.23 18.98 8.36
CA GLY B 174 -1.88 19.78 7.34
C GLY B 174 -2.02 21.23 7.76
N ARG B 175 -2.17 22.12 6.78
CA ARG B 175 -2.31 23.56 7.02
C ARG B 175 -1.26 24.12 7.98
N GLY B 176 -0.01 23.78 7.76
CA GLY B 176 1.08 24.24 8.61
C GLY B 176 0.97 23.79 10.06
N GLY B 177 0.29 22.68 10.31
CA GLY B 177 0.12 22.19 11.66
C GLY B 177 -1.24 22.49 12.30
N LEU B 178 -2.04 23.32 11.66
CA LEU B 178 -3.40 23.56 12.15
C LEU B 178 -4.33 22.37 11.89
N GLY B 179 -4.01 21.56 10.88
CA GLY B 179 -4.79 20.37 10.63
C GLY B 179 -5.76 20.45 9.46
N SER B 180 -5.65 19.50 8.54
CA SER B 180 -6.60 19.38 7.44
C SER B 180 -8.01 19.27 7.98
N ILE B 181 -8.97 19.85 7.28
CA ILE B 181 -10.38 19.69 7.61
C ILE B 181 -11.00 18.64 6.68
N PHE B 182 -11.46 17.51 7.24
CA PHE B 182 -12.07 16.44 6.44
C PHE B 182 -13.58 16.42 6.66
N VAL B 183 -14.34 16.61 5.60
CA VAL B 183 -15.79 16.69 5.74
C VAL B 183 -16.42 15.48 5.07
N TRP B 184 -17.33 14.81 5.75
CA TRP B 184 -17.85 13.52 5.26
C TRP B 184 -19.37 13.49 5.17
N ALA B 185 -19.87 12.80 4.15
CA ALA B 185 -21.31 12.55 4.00
C ALA B 185 -21.71 11.35 4.84
N SER B 186 -22.74 11.47 5.66
CA SER B 186 -22.97 10.45 6.67
C SER B 186 -23.53 9.12 6.14
N GLY B 187 -24.12 9.12 4.93
CA GLY B 187 -24.59 7.87 4.36
C GLY B 187 -26.01 7.92 3.83
N ASN B 188 -26.30 7.11 2.82
CA ASN B 188 -27.61 7.10 2.20
C ASN B 188 -28.35 5.77 2.44
N GLY B 189 -27.98 5.04 3.47
CA GLY B 189 -28.59 3.74 3.72
C GLY B 189 -29.85 3.67 4.55
N GLY B 190 -30.63 4.76 4.57
CA GLY B 190 -31.80 4.84 5.42
C GLY B 190 -32.87 3.79 5.17
N ARG B 191 -33.12 3.48 3.90
CA ARG B 191 -34.15 2.51 3.56
C ARG B 191 -33.76 1.10 4.03
N GLU B 192 -32.46 0.86 4.22
CA GLU B 192 -31.99 -0.43 4.70
C GLU B 192 -31.72 -0.40 6.20
N HIS B 193 -32.17 0.69 6.84
CA HIS B 193 -31.92 0.94 8.27
C HIS B 193 -30.45 0.86 8.65
N ASP B 194 -29.57 1.33 7.75
CA ASP B 194 -28.15 1.33 8.00
C ASP B 194 -27.82 2.28 9.18
N SER B 195 -26.70 2.05 9.84
CA SER B 195 -26.23 2.92 10.92
C SER B 195 -24.87 3.52 10.56
N CYS B 196 -24.72 4.83 10.67
CA CYS B 196 -23.47 5.41 10.22
C CYS B 196 -22.31 5.14 11.21
N ASN B 197 -22.59 4.53 12.37
CA ASN B 197 -21.49 4.10 13.24
C ASN B 197 -20.83 2.80 12.75
N CYS B 198 -21.39 2.18 11.71
CA CYS B 198 -20.78 1.00 11.10
C CYS B 198 -19.89 1.40 9.93
N ASP B 199 -19.63 2.69 9.83
CA ASP B 199 -18.85 3.27 8.74
C ASP B 199 -17.68 3.98 9.39
N GLY B 200 -16.47 3.45 9.21
CA GLY B 200 -15.31 3.98 9.92
C GLY B 200 -14.85 5.35 9.44
N TYR B 201 -15.33 5.79 8.28
CA TYR B 201 -14.95 7.11 7.81
C TYR B 201 -15.77 8.17 8.54
N THR B 202 -17.09 7.98 8.57
CA THR B 202 -17.96 8.92 9.26
C THR B 202 -17.71 8.86 10.78
N ASN B 203 -17.48 7.66 11.28
CA ASN B 203 -17.21 7.36 12.69
C ASN B 203 -15.91 8.00 13.23
N SER B 204 -15.00 8.37 12.34
CA SER B 204 -13.70 8.89 12.73
C SER B 204 -13.80 10.21 13.47
N ILE B 205 -12.94 10.43 14.46
CA ILE B 205 -12.92 11.75 15.10
C ILE B 205 -12.31 12.80 14.19
N TYR B 206 -11.55 12.37 13.18
CA TYR B 206 -10.86 13.29 12.27
C TYR B 206 -11.76 13.87 11.19
N THR B 207 -12.97 13.33 11.05
CA THR B 207 -13.90 13.82 10.02
C THR B 207 -15.10 14.51 10.66
N LEU B 208 -15.62 15.54 10.00
CA LEU B 208 -16.90 16.10 10.43
C LEU B 208 -17.99 15.44 9.59
N SER B 209 -18.72 14.53 10.21
CA SER B 209 -19.76 13.80 9.52
C SER B 209 -21.05 14.62 9.48
N ILE B 210 -21.55 14.82 8.26
CA ILE B 210 -22.69 15.68 7.99
C ILE B 210 -23.88 14.87 7.49
N SER B 211 -25.04 15.09 8.12
CA SER B 211 -26.29 14.48 7.68
C SER B 211 -27.20 15.48 6.96
N SER B 212 -28.38 15.03 6.57
CA SER B 212 -29.30 15.82 5.74
C SER B 212 -30.65 16.07 6.39
N ALA B 213 -31.29 17.15 5.99
CA ALA B 213 -32.67 17.42 6.33
C ALA B 213 -33.41 17.88 5.07
N THR B 214 -34.66 17.48 4.95
CA THR B 214 -35.46 17.89 3.79
C THR B 214 -35.92 19.34 3.90
N GLN B 215 -36.43 19.86 2.78
CA GLN B 215 -36.88 21.24 2.71
C GLN B 215 -37.80 21.64 3.87
N PHE B 216 -38.68 20.74 4.28
CA PHE B 216 -39.62 21.10 5.36
C PHE B 216 -39.18 20.60 6.72
N GLY B 217 -37.89 20.31 6.85
CA GLY B 217 -37.29 20.01 8.13
C GLY B 217 -37.47 18.58 8.61
N ASN B 218 -37.72 17.65 7.69
CA ASN B 218 -37.89 16.26 8.09
C ASN B 218 -36.63 15.41 7.90
N VAL B 219 -36.60 14.26 8.55
CA VAL B 219 -35.57 13.26 8.30
C VAL B 219 -35.78 12.64 6.92
N PRO B 220 -34.77 12.73 6.04
CA PRO B 220 -34.96 12.20 4.70
C PRO B 220 -35.05 10.67 4.68
N TRP B 221 -35.68 10.12 3.65
CA TRP B 221 -35.82 8.67 3.54
C TRP B 221 -34.47 7.97 3.55
N TYR B 222 -33.42 8.61 3.03
CA TYR B 222 -32.12 7.97 2.92
C TYR B 222 -31.24 8.14 4.16
N SER B 223 -31.73 8.90 5.14
CA SER B 223 -30.92 9.26 6.31
C SER B 223 -30.57 8.06 7.19
N GLU B 224 -29.31 8.01 7.61
CA GLU B 224 -28.83 7.04 8.59
C GLU B 224 -28.64 7.72 9.95
N ALA B 225 -29.12 7.09 11.01
CA ALA B 225 -28.94 7.64 12.34
C ALA B 225 -27.72 7.06 13.00
N CYS B 226 -26.96 7.90 13.72
CA CYS B 226 -25.89 7.41 14.60
C CYS B 226 -25.33 8.50 15.49
N SER B 227 -24.55 8.11 16.49
CA SER B 227 -24.03 9.07 17.46
C SER B 227 -22.78 9.80 16.96
N SER B 228 -22.21 9.39 15.84
CA SER B 228 -20.98 10.03 15.38
C SER B 228 -21.23 11.28 14.51
N THR B 229 -22.46 11.49 14.07
CA THR B 229 -22.80 12.63 13.21
C THR B 229 -22.64 13.92 14.00
N LEU B 230 -22.05 14.96 13.40
CA LEU B 230 -21.87 16.22 14.13
C LEU B 230 -22.95 17.27 13.88
N ALA B 231 -23.36 17.42 12.61
CA ALA B 231 -24.33 18.46 12.26
C ALA B 231 -25.00 18.13 10.93
N THR B 232 -25.85 19.03 10.45
CA THR B 232 -26.74 18.75 9.32
C THR B 232 -26.80 19.92 8.35
N THR B 233 -26.98 19.65 7.06
CA THR B 233 -27.44 20.69 6.15
C THR B 233 -28.68 20.25 5.41
N TYR B 234 -29.39 21.21 4.81
CA TYR B 234 -30.50 20.88 3.94
C TYR B 234 -30.03 20.05 2.76
N SER B 235 -30.91 19.17 2.29
CA SER B 235 -30.68 18.43 1.06
C SER B 235 -32.03 18.00 0.49
N SER B 236 -32.04 16.96 -0.33
CA SER B 236 -33.27 16.52 -1.01
C SER B 236 -34.17 15.68 -0.07
N GLY B 237 -35.42 15.51 -0.49
CA GLY B 237 -36.39 14.74 0.29
C GLY B 237 -37.35 13.96 -0.60
N ASN B 238 -38.64 14.13 -0.38
CA ASN B 238 -39.67 13.49 -1.18
C ASN B 238 -39.99 14.30 -2.44
N GLN B 239 -40.86 13.77 -3.30
CA GLN B 239 -41.07 14.39 -4.60
C GLN B 239 -41.72 15.74 -4.47
N ASN B 240 -42.39 16.00 -3.35
CA ASN B 240 -43.02 17.29 -3.14
C ASN B 240 -42.05 18.35 -2.61
N GLU B 241 -40.78 17.99 -2.43
CA GLU B 241 -39.81 18.92 -1.85
C GLU B 241 -38.70 19.24 -2.85
N LYS B 242 -38.12 20.43 -2.75
CA LYS B 242 -37.09 20.84 -3.71
C LYS B 242 -35.78 20.13 -3.44
N GLN B 243 -34.89 20.17 -4.42
CA GLN B 243 -33.60 19.52 -4.32
C GLN B 243 -32.46 20.52 -4.54
N ILE B 244 -31.26 20.02 -4.75
CA ILE B 244 -30.09 20.89 -4.76
C ILE B 244 -29.71 21.26 -6.21
N VAL B 245 -29.41 22.53 -6.42
CA VAL B 245 -29.08 23.04 -7.75
C VAL B 245 -27.59 23.19 -7.89
N THR B 246 -27.00 22.59 -8.92
CA THR B 246 -25.55 22.57 -9.02
C THR B 246 -25.09 22.27 -10.45
N THR B 247 -23.78 22.28 -10.64
CA THR B 247 -23.13 21.99 -11.91
C THR B 247 -23.21 20.50 -12.24
N ASP B 248 -23.55 20.17 -13.48
CA ASP B 248 -23.61 18.78 -13.94
C ASP B 248 -22.60 18.55 -15.07
N LEU B 249 -22.32 17.28 -15.34
CA LEU B 249 -21.44 16.87 -16.43
C LEU B 249 -21.91 17.41 -17.78
N ARG B 250 -20.95 17.60 -18.68
CA ARG B 250 -21.17 18.09 -20.04
C ARG B 250 -21.72 19.53 -20.01
N GLN B 251 -21.20 20.32 -19.07
CA GLN B 251 -21.45 21.75 -18.97
C GLN B 251 -22.91 22.10 -18.74
N LYS B 252 -23.64 21.22 -18.06
CA LYS B 252 -25.05 21.45 -17.81
C LYS B 252 -25.33 21.89 -16.38
N CYS B 253 -26.58 22.27 -16.13
CA CYS B 253 -27.03 22.70 -14.81
C CYS B 253 -28.13 21.74 -14.35
N THR B 254 -28.00 21.20 -13.14
CA THR B 254 -29.02 20.28 -12.63
C THR B 254 -29.73 20.87 -11.40
N GLU B 255 -31.00 20.53 -11.25
CA GLU B 255 -31.76 20.93 -10.06
C GLU B 255 -32.19 19.69 -9.29
N SER B 256 -31.50 18.59 -9.52
CA SER B 256 -31.90 17.34 -8.93
C SER B 256 -30.73 16.60 -8.29
N HIS B 257 -29.80 17.34 -7.68
CA HIS B 257 -28.74 16.72 -6.90
C HIS B 257 -29.36 16.30 -5.54
N THR B 258 -29.01 15.11 -5.07
CA THR B 258 -29.70 14.49 -3.93
C THR B 258 -28.75 13.86 -2.91
N GLY B 259 -29.32 13.43 -1.77
CA GLY B 259 -28.62 12.57 -0.80
C GLY B 259 -27.70 13.29 0.18
N THR B 260 -26.99 12.54 1.03
CA THR B 260 -26.00 13.18 1.88
C THR B 260 -24.80 13.66 1.06
N SER B 261 -24.70 13.20 -0.19
CA SER B 261 -23.65 13.71 -1.07
C SER B 261 -23.79 15.19 -1.34
N ALA B 262 -25.00 15.71 -1.20
CA ALA B 262 -25.21 17.14 -1.40
C ALA B 262 -24.98 17.90 -0.10
N SER B 263 -25.14 17.24 1.05
CA SER B 263 -24.97 17.93 2.34
C SER B 263 -23.50 18.20 2.71
N ALA B 264 -22.62 17.24 2.49
CA ALA B 264 -21.22 17.42 2.87
C ALA B 264 -20.54 18.60 2.14
N PRO B 265 -20.74 18.73 0.81
CA PRO B 265 -20.14 19.87 0.09
C PRO B 265 -20.67 21.21 0.56
N LEU B 266 -21.97 21.28 0.86
CA LEU B 266 -22.54 22.51 1.42
C LEU B 266 -21.87 22.83 2.75
N ALA B 267 -21.68 21.81 3.57
CA ALA B 267 -20.99 22.01 4.85
C ALA B 267 -19.56 22.48 4.62
N ALA B 268 -18.88 21.86 3.64
CA ALA B 268 -17.52 22.22 3.28
C ALA B 268 -17.43 23.69 2.90
N GLY B 269 -18.44 24.16 2.16
CA GLY B 269 -18.52 25.56 1.77
C GLY B 269 -18.67 26.48 2.97
N ILE B 270 -19.54 26.10 3.90
CA ILE B 270 -19.73 26.90 5.12
C ILE B 270 -18.44 26.97 5.93
N ILE B 271 -17.74 25.84 6.02
CA ILE B 271 -16.48 25.78 6.74
C ILE B 271 -15.47 26.69 6.06
N ALA B 272 -15.52 26.74 4.74
CA ALA B 272 -14.63 27.64 4.01
C ALA B 272 -14.86 29.11 4.41
N LEU B 273 -16.12 29.53 4.48
CA LEU B 273 -16.44 30.89 4.89
C LEU B 273 -15.89 31.15 6.29
N THR B 274 -15.94 30.11 7.12
CA THR B 274 -15.51 30.19 8.51
C THR B 274 -13.98 30.34 8.60
N LEU B 275 -13.25 29.61 7.77
CA LEU B 275 -11.80 29.75 7.72
C LEU B 275 -11.38 31.12 7.17
N GLU B 276 -12.16 31.68 6.26
CA GLU B 276 -11.85 33.02 5.80
C GLU B 276 -11.98 34.01 6.95
N ALA B 277 -12.97 33.80 7.81
CA ALA B 277 -13.17 34.66 8.96
C ALA B 277 -12.05 34.51 10.00
N ASN B 278 -11.43 33.34 10.06
CA ASN B 278 -10.33 33.12 11.02
C ASN B 278 -9.43 32.00 10.52
N LYS B 279 -8.36 32.39 9.84
CA LYS B 279 -7.45 31.43 9.22
C LYS B 279 -6.63 30.65 10.24
N ASN B 280 -6.68 31.04 11.51
CA ASN B 280 -5.92 30.38 12.56
C ASN B 280 -6.61 29.18 13.18
N LEU B 281 -7.84 28.90 12.77
CA LEU B 281 -8.62 27.83 13.40
C LEU B 281 -7.98 26.46 13.20
N THR B 282 -7.89 25.66 14.26
CA THR B 282 -7.41 24.29 14.14
C THR B 282 -8.54 23.35 13.72
N TRP B 283 -8.20 22.13 13.33
CA TRP B 283 -9.23 21.16 12.95
C TRP B 283 -10.22 20.93 14.10
N ARG B 284 -9.73 20.97 15.33
CA ARG B 284 -10.60 20.83 16.49
C ARG B 284 -11.41 22.10 16.80
N ASP B 285 -10.80 23.29 16.68
CA ASP B 285 -11.57 24.55 16.72
C ASP B 285 -12.82 24.48 15.84
N MET B 286 -12.66 23.98 14.61
CA MET B 286 -13.76 23.94 13.66
C MET B 286 -14.92 23.06 14.14
N GLN B 287 -14.60 21.91 14.71
CA GLN B 287 -15.66 21.08 15.26
C GLN B 287 -16.31 21.75 16.48
N HIS B 288 -15.52 22.43 17.31
CA HIS B 288 -16.10 23.19 18.43
C HIS B 288 -17.09 24.25 17.93
N LEU B 289 -16.70 24.98 16.90
CA LEU B 289 -17.57 26.02 16.34
C LEU B 289 -18.89 25.42 15.84
N VAL B 290 -18.78 24.28 15.18
CA VAL B 290 -19.97 23.59 14.68
C VAL B 290 -20.88 23.21 15.84
N VAL B 291 -20.30 22.67 16.90
CA VAL B 291 -21.11 22.29 18.05
C VAL B 291 -21.78 23.50 18.68
N GLN B 292 -21.02 24.59 18.83
CA GLN B 292 -21.53 25.79 19.49
C GLN B 292 -22.64 26.49 18.73
N THR B 293 -22.56 26.51 17.39
CA THR B 293 -23.47 27.34 16.61
C THR B 293 -24.60 26.59 15.90
N SER B 294 -24.55 25.26 15.88
CA SER B 294 -25.59 24.45 15.25
C SER B 294 -26.74 24.23 16.23
N LYS B 295 -27.96 24.37 15.73
CA LYS B 295 -29.17 24.34 16.55
C LYS B 295 -30.27 23.45 15.96
N PRO B 296 -31.16 22.92 16.83
CA PRO B 296 -32.32 22.16 16.32
C PRO B 296 -33.12 22.96 15.32
N ALA B 297 -33.19 24.28 15.50
CA ALA B 297 -33.90 25.16 14.59
C ALA B 297 -35.28 24.58 14.28
N HIS B 298 -35.60 24.39 13.01
CA HIS B 298 -36.90 23.82 12.68
C HIS B 298 -36.76 22.43 12.08
N LEU B 299 -35.73 21.72 12.52
CA LEU B 299 -35.56 20.33 12.13
C LEU B 299 -36.38 19.38 13.01
N ASN B 300 -37.26 18.62 12.38
CA ASN B 300 -38.11 17.66 13.07
C ASN B 300 -37.46 16.28 13.22
N ALA B 301 -37.40 15.77 14.44
CA ALA B 301 -36.95 14.40 14.68
C ALA B 301 -37.65 13.85 15.90
N ASN B 302 -37.75 12.54 16.02
CA ASN B 302 -38.41 12.00 17.19
C ASN B 302 -37.43 11.73 18.33
N ASP B 303 -36.16 12.03 18.13
CA ASP B 303 -35.17 11.68 19.15
C ASP B 303 -34.34 12.86 19.67
N TRP B 304 -34.84 14.09 19.57
CA TRP B 304 -34.14 15.21 20.17
C TRP B 304 -33.99 14.96 21.68
N ALA B 305 -32.77 15.10 22.19
CA ALA B 305 -32.52 14.84 23.61
C ALA B 305 -31.55 15.91 24.15
N THR B 306 -31.66 16.20 25.43
CA THR B 306 -30.81 17.21 26.05
C THR B 306 -29.62 16.52 26.67
N ASN B 307 -28.40 16.96 26.36
CA ASN B 307 -27.24 16.33 26.97
C ASN B 307 -26.87 17.04 28.27
N GLY B 308 -25.71 16.69 28.81
CA GLY B 308 -25.29 17.18 30.11
C GLY B 308 -24.88 18.63 30.22
N VAL B 309 -24.70 19.32 29.10
CA VAL B 309 -24.40 20.74 29.16
C VAL B 309 -25.57 21.55 28.63
N GLY B 310 -26.70 20.89 28.49
CA GLY B 310 -27.92 21.57 28.08
C GLY B 310 -28.18 21.72 26.60
N ARG B 311 -27.39 21.08 25.74
CA ARG B 311 -27.62 21.17 24.29
C ARG B 311 -28.56 20.09 23.77
N LYS B 312 -29.42 20.42 22.81
CA LYS B 312 -30.18 19.39 22.13
C LYS B 312 -29.29 18.64 21.13
N VAL B 313 -29.38 17.31 21.16
CA VAL B 313 -28.62 16.43 20.27
C VAL B 313 -29.56 15.37 19.70
N SER B 314 -29.43 15.07 18.42
CA SER B 314 -30.23 14.05 17.75
C SER B 314 -29.31 13.07 17.00
N HIS B 315 -29.68 11.79 16.92
CA HIS B 315 -28.87 10.84 16.15
C HIS B 315 -29.08 10.99 14.64
N SER B 316 -30.15 11.67 14.26
CA SER B 316 -30.42 11.98 12.84
C SER B 316 -29.67 13.23 12.39
N TYR B 317 -29.48 14.18 13.31
CA TYR B 317 -28.99 15.52 12.96
C TYR B 317 -27.72 15.98 13.66
N GLY B 318 -27.23 15.20 14.62
CA GLY B 318 -26.19 15.71 15.50
C GLY B 318 -26.70 16.92 16.27
N TYR B 319 -25.92 17.99 16.31
CA TYR B 319 -26.33 19.21 17.03
C TYR B 319 -27.29 20.07 16.23
N GLY B 320 -27.58 19.62 15.00
CA GLY B 320 -28.58 20.31 14.20
C GLY B 320 -28.07 21.00 12.96
N LEU B 321 -28.78 22.06 12.58
CA LEU B 321 -28.59 22.70 11.30
C LEU B 321 -27.40 23.66 11.33
N LEU B 322 -26.49 23.53 10.38
CA LEU B 322 -25.41 24.49 10.23
C LEU B 322 -25.94 25.89 9.97
N ASP B 323 -25.30 26.87 10.59
CA ASP B 323 -25.69 28.27 10.51
C ASP B 323 -24.45 29.06 10.11
N ALA B 324 -24.35 29.43 8.84
CA ALA B 324 -23.16 30.11 8.29
C ALA B 324 -22.89 31.46 8.96
N GLY B 325 -23.92 32.26 9.11
CA GLY B 325 -23.80 33.56 9.78
C GLY B 325 -23.23 33.43 11.18
N ALA B 326 -23.72 32.45 11.93
CA ALA B 326 -23.26 32.24 13.30
C ALA B 326 -21.85 31.64 13.34
N MET B 327 -21.55 30.74 12.39
CA MET B 327 -20.22 30.14 12.33
C MET B 327 -19.18 31.25 12.15
N VAL B 328 -19.41 32.11 11.17
CA VAL B 328 -18.46 33.16 10.86
C VAL B 328 -18.37 34.20 11.98
N ALA B 329 -19.49 34.59 12.57
CA ALA B 329 -19.43 35.57 13.66
C ALA B 329 -18.66 35.06 14.88
N LEU B 330 -18.84 33.80 15.25
CA LEU B 330 -18.11 33.28 16.42
C LEU B 330 -16.64 33.01 16.09
N ALA B 331 -16.36 32.64 14.85
CA ALA B 331 -14.98 32.38 14.43
C ALA B 331 -14.11 33.60 14.62
N GLN B 332 -14.67 34.77 14.32
CA GLN B 332 -13.90 36.01 14.37
C GLN B 332 -13.26 36.29 15.73
N ASN B 333 -13.92 35.86 16.80
CA ASN B 333 -13.44 36.11 18.16
C ASN B 333 -13.08 34.86 18.93
N TRP B 334 -12.95 33.74 18.23
CA TRP B 334 -12.70 32.45 18.88
C TRP B 334 -11.27 32.33 19.40
N THR B 335 -11.13 31.88 20.64
CA THR B 335 -9.83 31.56 21.21
C THR B 335 -9.54 30.08 20.93
N THR B 336 -8.36 29.80 20.37
CA THR B 336 -8.03 28.44 19.99
C THR B 336 -7.98 27.52 21.22
N VAL B 337 -8.49 26.30 21.08
CA VAL B 337 -8.56 25.36 22.19
C VAL B 337 -7.18 24.76 22.52
N ALA B 338 -6.99 24.31 23.77
CA ALA B 338 -5.75 23.63 24.17
C ALA B 338 -5.54 22.35 23.34
N PRO B 339 -4.29 21.84 23.33
CA PRO B 339 -3.99 20.60 22.59
C PRO B 339 -4.83 19.43 23.07
N GLN B 340 -5.07 18.50 22.16
CA GLN B 340 -5.87 17.35 22.44
C GLN B 340 -5.19 16.45 23.45
N ARG B 341 -5.96 15.97 24.41
CA ARG B 341 -5.54 14.91 25.30
C ARG B 341 -6.35 13.65 24.98
N LYS B 342 -5.77 12.50 25.29
CA LYS B 342 -6.40 11.23 25.03
C LYS B 342 -6.23 10.34 26.26
N CYS B 343 -7.35 9.98 26.87
CA CYS B 343 -7.34 9.10 28.04
C CYS B 343 -7.94 7.74 27.67
N ILE B 344 -7.14 6.68 27.82
CA ILE B 344 -7.56 5.31 27.50
C ILE B 344 -7.87 4.53 28.78
N ILE B 345 -9.06 3.93 28.84
CA ILE B 345 -9.48 3.16 29.99
C ILE B 345 -9.97 1.76 29.57
N ASP B 346 -9.28 0.72 30.04
CA ASP B 346 -9.76 -0.63 29.74
C ASP B 346 -10.72 -1.06 30.83
N ILE B 347 -11.92 -1.47 30.41
CA ILE B 347 -13.04 -1.58 31.34
C ILE B 347 -13.20 -2.99 31.92
N LEU B 348 -13.07 -4.01 31.09
CA LEU B 348 -13.35 -5.38 31.52
C LEU B 348 -12.20 -6.02 32.28
N THR B 349 -12.56 -6.73 33.34
CA THR B 349 -11.62 -7.60 34.04
C THR B 349 -11.72 -9.00 33.47
N GLU B 350 -12.90 -9.33 32.96
CA GLU B 350 -13.20 -10.63 32.39
C GLU B 350 -14.28 -10.49 31.31
N PRO B 351 -14.35 -11.43 30.36
CA PRO B 351 -15.42 -11.40 29.35
C PRO B 351 -16.81 -11.50 29.98
N LYS B 352 -17.81 -11.03 29.25
CA LYS B 352 -19.15 -10.85 29.77
C LYS B 352 -20.20 -11.51 28.87
N ASP B 353 -21.06 -12.34 29.45
CA ASP B 353 -22.13 -12.94 28.66
C ASP B 353 -23.12 -11.88 28.24
N ILE B 354 -23.53 -11.92 26.98
CA ILE B 354 -24.46 -10.92 26.49
C ILE B 354 -25.90 -11.34 26.70
N GLY B 355 -26.27 -12.47 26.11
CA GLY B 355 -27.61 -13.01 26.31
C GLY B 355 -28.70 -12.07 25.82
N LYS B 356 -29.73 -11.87 26.64
CA LYS B 356 -30.83 -10.98 26.30
C LYS B 356 -30.43 -9.52 26.47
N ARG B 357 -29.66 -9.24 27.52
CA ARG B 357 -29.29 -7.88 27.86
C ARG B 357 -28.07 -7.89 28.75
N LEU B 358 -27.15 -6.99 28.49
CA LEU B 358 -25.94 -6.87 29.29
C LEU B 358 -25.70 -5.41 29.64
N GLU B 359 -25.37 -5.17 30.90
CA GLU B 359 -25.08 -3.83 31.36
C GLU B 359 -23.73 -3.82 32.08
N VAL B 360 -22.83 -2.95 31.65
CA VAL B 360 -21.50 -2.84 32.23
C VAL B 360 -21.28 -1.44 32.79
N ARG B 361 -20.97 -1.36 34.07
CA ARG B 361 -20.74 -0.08 34.73
C ARG B 361 -19.30 0.00 35.21
N LYS B 362 -18.74 1.20 35.12
CA LYS B 362 -17.38 1.44 35.55
C LYS B 362 -17.22 2.91 35.87
N THR B 363 -16.63 3.19 37.03
CA THR B 363 -16.40 4.56 37.46
C THR B 363 -14.98 4.92 37.08
N VAL B 364 -14.83 6.03 36.35
CA VAL B 364 -13.54 6.44 35.84
C VAL B 364 -13.13 7.80 36.41
N THR B 365 -11.83 8.03 36.47
CA THR B 365 -11.30 9.30 36.97
C THR B 365 -10.85 10.19 35.82
N ALA B 366 -10.92 9.66 34.61
CA ALA B 366 -10.53 10.38 33.40
C ALA B 366 -9.09 10.87 33.49
N CYS B 367 -8.22 9.97 33.95
CA CYS B 367 -6.79 10.20 34.07
C CYS B 367 -6.42 11.37 34.98
N LEU B 368 -7.21 11.55 36.05
CA LEU B 368 -6.88 12.47 37.12
C LEU B 368 -5.47 12.22 37.62
N GLY B 369 -4.67 13.27 37.73
CA GLY B 369 -3.31 13.14 38.23
C GLY B 369 -2.29 12.81 37.15
N GLU B 370 -2.73 12.76 35.90
CA GLU B 370 -1.86 12.46 34.77
C GLU B 370 -1.89 13.59 33.74
N PRO B 371 -0.86 13.68 32.88
CA PRO B 371 -0.83 14.67 31.79
C PRO B 371 -2.02 14.60 30.82
N ASN B 372 -2.68 13.45 30.70
CA ASN B 372 -3.83 13.36 29.82
C ASN B 372 -5.17 13.46 30.56
N HIS B 373 -5.13 14.03 31.76
CA HIS B 373 -6.35 14.34 32.52
C HIS B 373 -7.35 15.14 31.68
N ILE B 374 -8.59 14.69 31.61
CA ILE B 374 -9.62 15.39 30.83
C ILE B 374 -10.79 15.80 31.70
N THR B 375 -11.06 17.11 31.77
CA THR B 375 -12.25 17.59 32.46
C THR B 375 -13.31 18.02 31.47
N ARG B 376 -12.91 18.24 30.23
CA ARG B 376 -13.85 18.71 29.22
C ARG B 376 -13.80 17.85 27.97
N LEU B 377 -14.85 17.04 27.82
CA LEU B 377 -14.86 16.04 26.78
C LEU B 377 -15.11 16.63 25.39
N GLU B 378 -14.44 16.06 24.39
CA GLU B 378 -14.81 16.28 23.00
C GLU B 378 -15.46 15.00 22.48
N HIS B 379 -14.74 14.20 21.70
CA HIS B 379 -15.24 12.90 21.25
C HIS B 379 -15.07 11.83 22.35
N ALA B 380 -15.92 10.82 22.31
CA ALA B 380 -15.69 9.61 23.10
C ALA B 380 -15.83 8.39 22.21
N GLN B 381 -15.00 7.39 22.45
CA GLN B 381 -15.11 6.11 21.76
C GLN B 381 -15.33 4.96 22.72
N ALA B 382 -16.19 4.03 22.32
CA ALA B 382 -16.23 2.73 22.96
C ALA B 382 -15.73 1.70 21.95
N ARG B 383 -14.51 1.21 22.15
CA ARG B 383 -13.94 0.22 21.25
C ARG B 383 -14.36 -1.14 21.77
N LEU B 384 -15.19 -1.83 20.99
CA LEU B 384 -15.79 -3.07 21.49
C LEU B 384 -15.31 -4.27 20.72
N THR B 385 -15.17 -5.39 21.42
CA THR B 385 -14.89 -6.66 20.81
C THR B 385 -15.95 -7.60 21.34
N LEU B 386 -16.74 -8.17 20.43
CA LEU B 386 -17.82 -9.04 20.82
C LEU B 386 -18.15 -10.05 19.74
N SER B 387 -18.65 -11.20 20.18
CA SER B 387 -19.19 -12.21 19.31
C SER B 387 -20.67 -12.30 19.56
N TYR B 388 -21.44 -12.48 18.50
CA TYR B 388 -22.89 -12.65 18.61
C TYR B 388 -23.33 -13.50 17.43
N ASN B 389 -24.47 -14.18 17.54
CA ASN B 389 -24.86 -15.09 16.46
C ASN B 389 -25.54 -14.34 15.32
N ARG B 390 -26.21 -13.22 15.62
CA ARG B 390 -26.83 -12.37 14.60
C ARG B 390 -26.68 -10.89 14.91
N ARG B 391 -25.71 -10.26 14.25
CA ARG B 391 -25.24 -8.92 14.62
C ARG B 391 -26.35 -7.87 14.59
N GLY B 392 -27.20 -7.95 13.58
CA GLY B 392 -28.24 -6.96 13.37
C GLY B 392 -29.31 -6.88 14.44
N ASP B 393 -29.35 -7.89 15.31
CA ASP B 393 -30.31 -7.92 16.40
C ASP B 393 -29.79 -7.15 17.63
N LEU B 394 -28.52 -6.76 17.63
CA LEU B 394 -27.97 -5.96 18.72
C LEU B 394 -28.36 -4.49 18.68
N ALA B 395 -28.65 -3.93 19.85
CA ALA B 395 -28.59 -2.49 20.07
C ALA B 395 -27.60 -2.21 21.19
N ILE B 396 -26.75 -1.21 21.00
CA ILE B 396 -25.75 -0.84 21.98
C ILE B 396 -25.92 0.64 22.36
N HIS B 397 -25.93 0.91 23.66
CA HIS B 397 -26.04 2.27 24.16
C HIS B 397 -24.89 2.60 25.10
N LEU B 398 -24.47 3.86 25.10
CA LEU B 398 -23.44 4.35 26.00
C LEU B 398 -23.97 5.54 26.79
N VAL B 399 -23.93 5.45 28.12
CA VAL B 399 -24.42 6.50 29.00
C VAL B 399 -23.27 7.17 29.74
N SER B 400 -23.18 8.49 29.63
CA SER B 400 -22.11 9.26 30.28
C SER B 400 -22.48 9.51 31.74
N PRO B 401 -21.48 9.83 32.58
CA PRO B 401 -21.76 10.10 34.00
C PRO B 401 -22.81 11.21 34.20
N MET B 402 -22.96 12.11 33.24
CA MET B 402 -23.94 13.18 33.36
C MET B 402 -25.29 12.75 32.82
N GLY B 403 -25.40 11.49 32.41
CA GLY B 403 -26.69 10.93 32.02
C GLY B 403 -27.04 11.00 30.54
N THR B 404 -26.08 11.38 29.70
CA THR B 404 -26.34 11.43 28.27
C THR B 404 -26.31 10.05 27.64
N ARG B 405 -27.43 9.64 27.06
CA ARG B 405 -27.50 8.33 26.41
C ARG B 405 -27.15 8.42 24.91
N SER B 406 -26.02 7.85 24.53
CA SER B 406 -25.67 7.73 23.11
C SER B 406 -26.05 6.35 22.58
N THR B 407 -26.80 6.31 21.49
CA THR B 407 -27.03 5.05 20.79
C THR B 407 -25.83 4.76 19.88
N LEU B 408 -25.01 3.81 20.29
CA LEU B 408 -23.81 3.47 19.52
C LEU B 408 -24.15 2.60 18.32
N LEU B 409 -25.25 1.85 18.45
CA LEU B 409 -25.68 0.96 17.37
C LEU B 409 -27.15 0.61 17.56
N ALA B 410 -27.95 0.88 16.55
CA ALA B 410 -29.34 0.47 16.57
C ALA B 410 -29.48 -0.83 15.80
N ALA B 411 -30.62 -1.51 15.94
CA ALA B 411 -30.90 -2.73 15.19
C ALA B 411 -30.73 -2.53 13.69
N ARG B 412 -30.07 -3.49 13.03
CA ARG B 412 -29.98 -3.49 11.58
C ARG B 412 -30.57 -4.79 11.05
N PRO B 413 -31.87 -4.75 10.69
CA PRO B 413 -32.68 -5.90 10.29
C PRO B 413 -32.10 -6.76 9.16
N HIS B 414 -31.28 -6.19 8.29
CA HIS B 414 -30.67 -6.99 7.22
C HIS B 414 -29.29 -7.52 7.57
N ASP B 415 -28.74 -7.14 8.73
CA ASP B 415 -27.39 -7.58 9.08
C ASP B 415 -27.43 -8.96 9.75
N TYR B 416 -27.11 -9.99 8.97
CA TYR B 416 -27.25 -11.38 9.39
C TYR B 416 -25.93 -11.94 9.91
N SER B 417 -24.89 -11.12 9.87
CA SER B 417 -23.53 -11.53 10.14
C SER B 417 -23.30 -12.20 11.49
N ALA B 418 -22.41 -13.19 11.48
CA ALA B 418 -21.95 -13.88 12.68
C ALA B 418 -20.56 -13.39 13.11
N ASP B 419 -20.05 -12.35 12.44
CA ASP B 419 -18.67 -11.90 12.66
C ASP B 419 -18.52 -10.95 13.84
N GLY B 420 -19.64 -10.48 14.38
CA GLY B 420 -19.61 -9.56 15.51
C GLY B 420 -18.82 -8.29 15.23
N PHE B 421 -18.11 -7.80 16.26
CA PHE B 421 -17.25 -6.64 16.13
C PHE B 421 -15.85 -6.93 16.68
N ASN B 422 -14.83 -6.56 15.91
CA ASN B 422 -13.45 -6.80 16.31
C ASN B 422 -12.69 -5.49 16.60
N ASP B 423 -12.66 -5.12 17.88
CA ASP B 423 -12.07 -3.87 18.31
C ASP B 423 -12.59 -2.70 17.46
N TRP B 424 -13.90 -2.64 17.32
CA TRP B 424 -14.53 -1.60 16.51
C TRP B 424 -14.81 -0.35 17.36
N ALA B 425 -14.29 0.78 16.91
CA ALA B 425 -14.40 2.02 17.69
C ALA B 425 -15.70 2.77 17.46
N PHE B 426 -16.76 2.45 18.19
CA PHE B 426 -17.99 3.24 18.12
C PHE B 426 -17.72 4.64 18.68
N MET B 427 -18.14 5.68 17.98
CA MET B 427 -17.84 7.05 18.41
C MET B 427 -19.11 7.85 18.71
N THR B 428 -19.07 8.68 19.74
CA THR B 428 -20.16 9.61 19.96
C THR B 428 -19.68 11.03 20.19
N THR B 429 -20.43 11.97 19.61
CA THR B 429 -20.22 13.39 19.79
C THR B 429 -21.19 14.00 20.80
N HIS B 430 -22.08 13.20 21.36
CA HIS B 430 -23.24 13.74 22.06
C HIS B 430 -22.92 14.25 23.47
N SER B 431 -21.73 13.94 23.96
CA SER B 431 -21.29 14.40 25.30
C SER B 431 -20.20 15.46 25.22
N TRP B 432 -20.07 16.12 24.06
CA TRP B 432 -19.14 17.22 23.89
C TRP B 432 -19.27 18.24 25.03
N ASP B 433 -18.12 18.66 25.59
CA ASP B 433 -18.01 19.61 26.73
C ASP B 433 -18.49 19.08 28.12
N GLU B 434 -18.93 17.83 28.20
CA GLU B 434 -19.25 17.24 29.51
C GLU B 434 -17.97 16.91 30.27
N ASP B 435 -18.07 16.85 31.59
CA ASP B 435 -16.99 16.30 32.42
C ASP B 435 -17.17 14.81 32.36
N PRO B 436 -16.12 14.08 31.94
CA PRO B 436 -16.31 12.64 31.74
C PRO B 436 -15.99 11.77 32.98
N SER B 437 -15.65 12.38 34.11
CA SER B 437 -15.31 11.58 35.29
C SER B 437 -16.58 11.05 35.94
N GLY B 438 -16.55 9.81 36.41
CA GLY B 438 -17.72 9.23 37.03
C GLY B 438 -18.13 7.93 36.39
N GLU B 439 -19.39 7.55 36.56
CA GLU B 439 -19.85 6.23 36.12
C GLU B 439 -20.38 6.23 34.69
N TRP B 440 -19.67 5.51 33.83
CA TRP B 440 -20.10 5.30 32.45
C TRP B 440 -20.88 3.99 32.41
N VAL B 441 -21.92 3.91 31.59
CA VAL B 441 -22.64 2.66 31.46
C VAL B 441 -22.78 2.22 30.01
N LEU B 442 -22.34 1.00 29.72
CA LEU B 442 -22.54 0.36 28.43
C LEU B 442 -23.71 -0.60 28.54
N GLU B 443 -24.66 -0.48 27.62
CA GLU B 443 -25.74 -1.43 27.48
C GLU B 443 -25.67 -2.12 26.13
N ILE B 444 -25.76 -3.46 26.14
CA ILE B 444 -25.88 -4.26 24.93
C ILE B 444 -27.17 -5.09 25.06
N GLU B 445 -28.06 -5.01 24.08
CA GLU B 445 -29.31 -5.77 24.20
C GLU B 445 -29.74 -6.47 22.91
N ASN B 446 -30.42 -7.60 23.09
CA ASN B 446 -31.04 -8.32 22.00
C ASN B 446 -32.40 -7.73 21.72
N THR B 447 -32.58 -7.16 20.54
CA THR B 447 -33.82 -6.47 20.22
C THR B 447 -34.86 -7.41 19.64
N SER B 448 -34.48 -8.67 19.48
CA SER B 448 -35.33 -9.67 18.84
C SER B 448 -35.86 -10.66 19.88
N GLU B 449 -36.87 -11.44 19.49
CA GLU B 449 -37.43 -12.47 20.36
C GLU B 449 -36.65 -13.76 20.20
N ALA B 450 -35.85 -13.84 19.14
CA ALA B 450 -34.99 -15.00 18.91
C ALA B 450 -34.06 -15.21 20.10
N ASN B 451 -33.68 -16.47 20.33
CA ASN B 451 -32.81 -16.83 21.44
C ASN B 451 -31.35 -16.62 21.05
N ASN B 452 -31.00 -15.36 20.81
CA ASN B 452 -29.65 -14.98 20.40
C ASN B 452 -28.66 -15.05 21.55
N TYR B 453 -27.37 -15.16 21.22
CA TYR B 453 -26.35 -15.37 22.23
C TYR B 453 -24.97 -14.94 21.80
N GLY B 454 -24.13 -14.57 22.78
CA GLY B 454 -22.75 -14.28 22.53
C GLY B 454 -22.01 -13.68 23.71
N THR B 455 -20.84 -13.11 23.44
CA THR B 455 -19.93 -12.66 24.47
C THR B 455 -19.21 -11.37 24.13
N LEU B 456 -19.17 -10.45 25.09
CA LEU B 456 -18.33 -9.26 24.99
C LEU B 456 -16.96 -9.55 25.60
N THR B 457 -15.90 -9.47 24.81
CA THR B 457 -14.58 -9.84 25.33
C THR B 457 -13.64 -8.66 25.54
N LYS B 458 -13.99 -7.49 25.03
CA LYS B 458 -13.20 -6.29 25.32
C LYS B 458 -14.01 -5.01 25.18
N PHE B 459 -13.77 -4.10 26.10
CA PHE B 459 -14.42 -2.80 26.12
C PHE B 459 -13.35 -1.82 26.57
N THR B 460 -12.89 -1.00 25.62
CA THR B 460 -11.96 0.06 25.91
C THR B 460 -12.67 1.39 25.77
N LEU B 461 -12.66 2.20 26.83
CA LEU B 461 -13.24 3.53 26.73
C LEU B 461 -12.14 4.52 26.39
N VAL B 462 -12.28 5.22 25.28
CA VAL B 462 -11.31 6.24 24.90
C VAL B 462 -11.94 7.63 25.00
N LEU B 463 -11.37 8.48 25.84
CA LEU B 463 -11.84 9.86 26.02
C LEU B 463 -10.88 10.85 25.36
N TYR B 464 -11.45 11.83 24.65
CA TYR B 464 -10.67 12.93 24.10
C TYR B 464 -11.19 14.23 24.65
N GLY B 465 -10.29 15.18 24.85
CA GLY B 465 -10.69 16.49 25.31
C GLY B 465 -9.56 17.27 25.93
N THR B 466 -9.91 18.20 26.81
CA THR B 466 -8.94 19.07 27.44
C THR B 466 -9.22 19.19 28.93
N ALA B 467 -8.37 19.90 29.65
CA ALA B 467 -8.61 20.22 31.05
C ALA B 467 -8.98 21.69 31.20
N SER B 468 -10.13 21.98 31.79
CA SER B 468 -10.55 23.38 31.91
C SER B 468 -11.47 23.61 33.10
N GLY B 469 -12.16 24.74 33.08
CA GLY B 469 -13.01 25.14 34.19
C GLY B 469 -14.34 24.42 34.28
N SER B 470 -15.13 24.81 35.29
CA SER B 470 -16.47 24.27 35.50
C SER B 470 -17.52 24.97 34.65
N LEU B 471 -18.51 24.20 34.19
CA LEU B 471 -19.70 24.77 33.58
C LEU B 471 -20.88 24.73 34.57
N GLN C 1 5.17 -44.17 -1.77
CA GLN C 1 5.24 -42.74 -2.06
C GLN C 1 6.20 -42.02 -1.11
N VAL C 2 6.59 -40.79 -1.47
CA VAL C 2 7.47 -39.99 -0.63
C VAL C 2 6.75 -39.47 0.60
N GLN C 3 7.24 -39.82 1.78
CA GLN C 3 6.58 -39.37 3.00
C GLN C 3 7.53 -38.93 4.12
N LEU C 4 7.25 -37.76 4.68
CA LEU C 4 7.94 -37.29 5.88
C LEU C 4 6.91 -37.10 6.98
N GLN C 5 7.07 -37.81 8.09
CA GLN C 5 6.10 -37.75 9.18
C GLN C 5 6.74 -37.31 10.48
N GLU C 6 6.22 -36.22 11.03
CA GLU C 6 6.74 -35.64 12.27
C GLU C 6 6.00 -36.15 13.48
N SER C 7 6.73 -36.32 14.59
CA SER C 7 6.14 -36.75 15.85
C SER C 7 6.91 -36.19 17.04
N GLY C 8 6.41 -36.47 18.24
CA GLY C 8 7.08 -36.06 19.46
C GLY C 8 6.62 -34.71 19.99
N GLY C 9 5.68 -34.09 19.29
CA GLY C 9 5.17 -32.81 19.73
C GLY C 9 4.16 -32.95 20.85
N GLY C 10 3.89 -31.85 21.56
CA GLY C 10 2.95 -31.88 22.66
C GLY C 10 3.08 -30.66 23.54
N LEU C 11 2.34 -30.66 24.64
CA LEU C 11 2.41 -29.63 25.67
C LEU C 11 3.63 -29.83 26.53
N VAL C 12 4.32 -28.74 26.88
CA VAL C 12 5.43 -28.78 27.82
C VAL C 12 5.50 -27.50 28.63
N GLN C 13 5.91 -27.64 29.89
CA GLN C 13 6.15 -26.49 30.76
C GLN C 13 7.32 -25.69 30.22
N PRO C 14 7.24 -24.36 30.29
CA PRO C 14 8.36 -23.50 29.89
C PRO C 14 9.62 -23.85 30.68
N GLY C 15 10.77 -23.88 30.00
CA GLY C 15 12.00 -24.32 30.62
C GLY C 15 12.14 -25.83 30.43
N GLY C 16 11.12 -26.42 29.83
CA GLY C 16 11.09 -27.86 29.60
C GLY C 16 11.88 -28.29 28.39
N SER C 17 11.81 -29.59 28.11
CA SER C 17 12.53 -30.18 26.99
C SER C 17 11.64 -31.12 26.18
N LEU C 18 11.83 -31.08 24.88
CA LEU C 18 11.15 -31.99 23.97
C LEU C 18 12.15 -32.54 22.98
N THR C 19 11.91 -33.77 22.52
CA THR C 19 12.68 -34.31 21.41
C THR C 19 11.72 -34.65 20.26
N LEU C 20 11.97 -34.04 19.10
CA LEU C 20 11.13 -34.25 17.94
C LEU C 20 11.73 -35.29 17.03
N SER C 21 10.87 -36.05 16.36
CA SER C 21 11.34 -37.06 15.42
C SER C 21 10.68 -36.85 14.07
N CYS C 22 11.37 -37.29 13.03
CA CYS C 22 10.83 -37.23 11.67
C CYS C 22 11.26 -38.48 10.93
N ALA C 23 10.31 -39.36 10.65
CA ALA C 23 10.62 -40.58 9.91
C ALA C 23 10.40 -40.36 8.43
N ALA C 24 11.32 -40.90 7.62
CA ALA C 24 11.28 -40.69 6.18
C ALA C 24 11.14 -41.99 5.42
N SER C 25 10.30 -41.98 4.38
CA SER C 25 10.11 -43.15 3.55
C SER C 25 9.76 -42.75 2.12
N GLY C 26 10.06 -43.63 1.17
CA GLY C 26 9.73 -43.39 -0.21
C GLY C 26 10.87 -42.81 -1.02
N PHE C 27 12.00 -42.56 -0.35
CA PHE C 27 13.19 -42.03 -1.02
C PHE C 27 14.43 -42.33 -0.20
N THR C 28 15.60 -42.16 -0.80
CA THR C 28 16.83 -42.36 -0.07
C THR C 28 17.05 -41.20 0.89
N PHE C 29 16.83 -41.46 2.17
CA PHE C 29 16.90 -40.43 3.20
C PHE C 29 18.28 -39.78 3.23
N SER C 30 19.31 -40.59 3.10
CA SER C 30 20.69 -40.12 3.10
C SER C 30 21.06 -39.33 1.84
N SER C 31 20.13 -39.15 0.91
CA SER C 31 20.44 -38.40 -0.30
C SER C 31 20.23 -36.90 -0.14
N TYR C 32 19.71 -36.47 1.00
CA TYR C 32 19.34 -35.07 1.18
C TYR C 32 19.80 -34.47 2.51
N SER C 33 20.14 -33.19 2.46
CA SER C 33 20.20 -32.38 3.65
C SER C 33 18.80 -32.31 4.22
N MET C 34 18.69 -32.03 5.52
CA MET C 34 17.39 -31.96 6.15
C MET C 34 17.25 -30.68 6.97
N TYR C 35 16.01 -30.25 7.12
CA TYR C 35 15.70 -28.97 7.70
C TYR C 35 14.58 -29.08 8.72
N TRP C 36 14.69 -28.31 9.79
CA TRP C 36 13.54 -28.07 10.65
C TRP C 36 13.12 -26.63 10.44
N VAL C 37 11.84 -26.44 10.13
CA VAL C 37 11.25 -25.12 10.02
C VAL C 37 9.99 -25.12 10.86
N ARG C 38 9.60 -23.94 11.36
CA ARG C 38 8.41 -23.85 12.19
C ARG C 38 7.52 -22.69 11.74
N GLN C 39 6.20 -22.88 11.89
CA GLN C 39 5.27 -21.78 11.65
C GLN C 39 4.45 -21.51 12.91
N ALA C 40 4.60 -20.31 13.44
CA ALA C 40 3.93 -19.89 14.65
C ALA C 40 2.64 -19.16 14.29
N PRO C 41 1.63 -19.19 15.19
CA PRO C 41 0.32 -18.60 14.90
C PRO C 41 0.40 -17.19 14.34
N GLY C 42 -0.23 -16.97 13.19
CA GLY C 42 -0.24 -15.68 12.54
C GLY C 42 1.13 -15.18 12.09
N LYS C 43 2.10 -16.09 12.00
CA LYS C 43 3.46 -15.74 11.60
C LYS C 43 3.94 -16.56 10.40
N GLY C 44 4.92 -16.00 9.69
CA GLY C 44 5.50 -16.65 8.52
C GLY C 44 6.41 -17.80 8.91
N LEU C 45 6.82 -18.57 7.91
CA LEU C 45 7.74 -19.69 8.14
C LEU C 45 9.08 -19.21 8.69
N GLU C 46 9.59 -19.92 9.67
CA GLU C 46 10.90 -19.62 10.22
C GLU C 46 11.78 -20.86 10.16
N TRP C 47 12.95 -20.75 9.54
N TRP C 47 12.96 -20.76 9.55
CA TRP C 47 13.93 -21.82 9.58
CA TRP C 47 13.89 -21.89 9.58
C TRP C 47 14.48 -21.94 11.01
C TRP C 47 14.50 -21.95 10.97
N VAL C 48 14.63 -23.17 11.48
CA VAL C 48 15.13 -23.40 12.83
C VAL C 48 16.53 -24.01 12.83
N SER C 49 16.69 -25.09 12.08
CA SER C 49 17.94 -25.81 12.08
C SER C 49 18.12 -26.62 10.81
N SER C 50 19.36 -26.99 10.52
CA SER C 50 19.66 -27.79 9.33
C SER C 50 20.86 -28.69 9.53
N ILE C 51 20.94 -29.74 8.73
CA ILE C 51 22.02 -30.71 8.84
C ILE C 51 22.32 -31.30 7.46
N ASN C 52 23.60 -31.52 7.14
CA ASN C 52 23.94 -32.12 5.86
C ASN C 52 23.63 -33.61 5.87
N ARG C 53 24.05 -34.30 4.82
CA ARG C 53 23.57 -35.66 4.59
C ARG C 53 24.10 -36.67 5.60
N VAL C 54 25.37 -36.58 5.96
CA VAL C 54 25.94 -37.55 6.88
C VAL C 54 25.81 -37.08 8.33
N GLY C 55 25.64 -35.78 8.53
CA GLY C 55 25.41 -35.23 9.85
C GLY C 55 26.63 -34.54 10.42
N SER C 56 27.62 -34.32 9.58
CA SER C 56 28.88 -33.74 10.01
C SER C 56 28.88 -32.20 9.97
N ASN C 57 27.83 -31.61 9.41
CA ASN C 57 27.67 -30.17 9.49
C ASN C 57 26.25 -29.81 9.89
N THR C 58 26.12 -28.85 10.80
CA THR C 58 24.83 -28.49 11.39
C THR C 58 24.75 -26.97 11.51
N ASP C 59 23.56 -26.41 11.32
CA ASP C 59 23.37 -24.96 11.47
C ASP C 59 22.10 -24.64 12.25
N TYR C 60 22.08 -23.48 12.90
CA TYR C 60 20.99 -23.10 13.78
C TYR C 60 20.59 -21.63 13.59
N ALA C 61 19.30 -21.35 13.63
CA ALA C 61 18.86 -19.96 13.67
C ALA C 61 19.33 -19.31 14.98
N ASP C 62 19.64 -18.02 14.93
CA ASP C 62 20.13 -17.29 16.08
C ASP C 62 19.23 -17.44 17.31
N SER C 63 17.93 -17.49 17.09
CA SER C 63 16.95 -17.55 18.18
C SER C 63 16.96 -18.86 18.95
N VAL C 64 17.52 -19.92 18.37
CA VAL C 64 17.52 -21.23 19.03
C VAL C 64 18.93 -21.68 19.41
N LYS C 65 19.92 -20.84 19.10
CA LYS C 65 21.31 -21.22 19.32
C LYS C 65 21.58 -21.51 20.78
N GLY C 66 22.22 -22.64 21.04
CA GLY C 66 22.58 -23.04 22.39
C GLY C 66 21.47 -23.72 23.14
N ARG C 67 20.32 -23.91 22.49
CA ARG C 67 19.19 -24.54 23.14
C ARG C 67 18.75 -25.79 22.39
N PHE C 68 18.90 -25.78 21.08
CA PHE C 68 18.44 -26.88 20.25
C PHE C 68 19.60 -27.70 19.71
N THR C 69 19.35 -28.97 19.44
CA THR C 69 20.32 -29.86 18.81
C THR C 69 19.67 -30.71 17.74
N ILE C 70 20.10 -30.54 16.50
CA ILE C 70 19.62 -31.34 15.40
C ILE C 70 20.56 -32.54 15.17
N SER C 71 19.99 -33.69 14.82
CA SER C 71 20.77 -34.88 14.54
C SER C 71 19.98 -35.80 13.61
N ARG C 72 20.66 -36.77 13.01
CA ARG C 72 19.99 -37.72 12.14
C ARG C 72 20.57 -39.13 12.26
N ASP C 73 19.71 -40.14 12.07
CA ASP C 73 20.16 -41.52 12.02
C ASP C 73 19.80 -42.10 10.65
N ASN C 74 20.80 -42.20 9.77
CA ASN C 74 20.56 -42.60 8.39
C ASN C 74 20.12 -44.06 8.23
N ALA C 75 20.64 -44.92 9.10
CA ALA C 75 20.21 -46.32 9.11
C ALA C 75 18.73 -46.40 9.45
N LYS C 76 18.33 -45.61 10.43
CA LYS C 76 16.96 -45.62 10.93
C LYS C 76 16.03 -44.65 10.19
N ASN C 77 16.54 -44.05 9.11
CA ASN C 77 15.75 -43.10 8.30
C ASN C 77 15.02 -42.05 9.15
N THR C 78 15.69 -41.48 10.14
CA THR C 78 15.01 -40.56 11.04
C THR C 78 15.85 -39.31 11.34
N LEU C 79 15.16 -38.18 11.46
CA LEU C 79 15.77 -36.90 11.81
C LEU C 79 15.23 -36.44 13.16
N TYR C 80 16.11 -35.88 13.99
CA TYR C 80 15.66 -35.43 15.30
C TYR C 80 15.91 -33.96 15.54
N LEU C 81 15.15 -33.40 16.47
CA LEU C 81 15.45 -32.09 17.02
C LEU C 81 15.28 -32.15 18.53
N GLN C 82 16.39 -32.06 19.25
CA GLN C 82 16.32 -31.97 20.69
C GLN C 82 16.21 -30.51 21.13
N MET C 83 15.09 -30.18 21.79
CA MET C 83 14.84 -28.80 22.20
C MET C 83 14.93 -28.66 23.72
N ASN C 84 15.72 -27.70 24.18
CA ASN C 84 15.91 -27.46 25.61
C ASN C 84 15.56 -26.03 25.97
N SER C 85 15.31 -25.80 27.25
CA SER C 85 14.95 -24.47 27.75
C SER C 85 13.91 -23.79 26.88
N LEU C 86 12.85 -24.52 26.54
CA LEU C 86 11.79 -24.01 25.68
C LEU C 86 11.14 -22.76 26.26
N LYS C 87 10.84 -21.80 25.38
CA LYS C 87 10.17 -20.57 25.78
C LYS C 87 8.80 -20.51 25.12
N SER C 88 7.97 -19.57 25.57
CA SER C 88 6.66 -19.36 24.95
C SER C 88 6.85 -19.04 23.47
N GLU C 89 7.91 -18.30 23.17
CA GLU C 89 8.23 -17.89 21.81
C GLU C 89 8.45 -19.07 20.86
N ASP C 90 8.62 -20.27 21.40
CA ASP C 90 8.89 -21.47 20.58
C ASP C 90 7.62 -22.22 20.15
N THR C 91 6.45 -21.81 20.63
CA THR C 91 5.22 -22.49 20.27
C THR C 91 4.91 -22.36 18.77
N ALA C 92 4.83 -23.50 18.08
CA ALA C 92 4.56 -23.50 16.65
C ALA C 92 4.25 -24.90 16.15
N LEU C 93 3.82 -24.97 14.90
CA LEU C 93 3.83 -26.21 14.18
C LEU C 93 5.26 -26.37 13.67
N TYR C 94 5.84 -27.55 13.89
CA TYR C 94 7.22 -27.81 13.48
C TYR C 94 7.27 -28.78 12.31
N TYR C 95 7.93 -28.36 11.23
CA TYR C 95 7.98 -29.14 10.00
C TYR C 95 9.34 -29.74 9.70
N CYS C 96 9.31 -30.92 9.11
CA CYS C 96 10.48 -31.63 8.64
C CYS C 96 10.55 -31.53 7.11
N ALA C 97 11.71 -31.16 6.56
CA ALA C 97 11.81 -31.00 5.09
C ALA C 97 13.23 -31.22 4.52
N VAL C 98 13.28 -31.46 3.21
CA VAL C 98 14.56 -31.63 2.53
C VAL C 98 15.08 -30.30 2.01
N GLY C 99 14.28 -29.26 2.15
CA GLY C 99 14.63 -27.94 1.71
C GLY C 99 13.77 -26.97 2.47
N MET C 100 14.32 -25.81 2.77
CA MET C 100 13.65 -24.80 3.58
C MET C 100 12.31 -24.36 2.98
N TYR C 101 12.24 -24.31 1.66
CA TYR C 101 11.03 -23.84 0.99
C TYR C 101 10.30 -24.98 0.28
N ALA C 102 10.60 -26.20 0.69
CA ALA C 102 9.98 -27.37 0.08
C ALA C 102 8.50 -27.44 0.46
N ALA C 103 7.70 -28.06 -0.40
CA ALA C 103 6.29 -28.29 -0.14
C ALA C 103 6.02 -29.78 -0.15
N PRO C 104 4.86 -30.22 0.39
CA PRO C 104 4.56 -31.65 0.35
C PRO C 104 4.65 -32.22 -1.06
N PRO C 105 5.11 -33.47 -1.22
CA PRO C 105 5.45 -34.41 -0.14
C PRO C 105 6.83 -34.20 0.48
N TRP C 106 7.58 -33.20 0.02
CA TRP C 106 8.95 -33.01 0.46
C TRP C 106 9.04 -32.14 1.70
N ARG C 107 7.88 -31.76 2.20
CA ARG C 107 7.75 -31.18 3.52
C ARG C 107 6.67 -31.95 4.26
N GLY C 108 6.84 -32.12 5.57
CA GLY C 108 5.92 -32.93 6.35
C GLY C 108 4.64 -32.22 6.73
N GLN C 109 3.73 -32.97 7.33
CA GLN C 109 2.47 -32.42 7.81
C GLN C 109 2.69 -31.61 9.09
N GLY C 110 3.71 -31.99 9.85
CA GLY C 110 4.08 -31.23 11.03
C GLY C 110 3.59 -31.83 12.33
N THR C 111 4.18 -31.39 13.43
CA THR C 111 3.76 -31.79 14.76
C THR C 111 3.70 -30.56 15.65
N GLN C 112 2.60 -30.40 16.39
CA GLN C 112 2.41 -29.20 17.19
C GLN C 112 3.12 -29.34 18.52
N VAL C 113 3.87 -28.29 18.89
CA VAL C 113 4.42 -28.22 20.23
C VAL C 113 3.88 -26.95 20.86
N THR C 114 3.55 -27.04 22.15
CA THR C 114 2.94 -25.93 22.86
C THR C 114 3.65 -25.69 24.17
N VAL C 115 4.03 -24.44 24.41
CA VAL C 115 4.69 -24.07 25.63
C VAL C 115 3.86 -23.05 26.39
N GLN D 1 -6.91 -20.59 38.50
CA GLN D 1 -6.70 -19.84 37.26
C GLN D 1 -7.56 -20.38 36.12
N VAL D 2 -7.98 -19.49 35.23
CA VAL D 2 -8.82 -19.89 34.10
C VAL D 2 -7.99 -20.57 33.01
N GLN D 3 -8.45 -21.73 32.57
CA GLN D 3 -7.76 -22.53 31.56
C GLN D 3 -8.74 -23.16 30.58
N LEU D 4 -8.33 -23.20 29.32
CA LEU D 4 -9.03 -23.93 28.28
C LEU D 4 -8.02 -24.79 27.55
N GLN D 5 -8.26 -26.10 27.49
CA GLN D 5 -7.31 -27.01 26.89
C GLN D 5 -7.98 -27.86 25.84
N GLU D 6 -7.57 -27.69 24.58
CA GLU D 6 -8.12 -28.46 23.49
C GLU D 6 -7.34 -29.75 23.31
N SER D 7 -7.99 -30.74 22.70
CA SER D 7 -7.38 -32.03 22.43
C SER D 7 -8.16 -32.73 21.35
N GLY D 8 -7.62 -33.84 20.86
CA GLY D 8 -8.33 -34.68 19.92
C GLY D 8 -7.95 -34.44 18.47
N GLY D 9 -7.01 -33.53 18.24
CA GLY D 9 -6.58 -33.23 16.88
C GLY D 9 -5.62 -34.26 16.32
N GLY D 10 -5.18 -34.07 15.08
CA GLY D 10 -4.16 -34.94 14.52
C GLY D 10 -4.15 -34.99 13.00
N LEU D 11 -3.55 -36.05 12.48
CA LEU D 11 -3.45 -36.25 11.03
C LEU D 11 -4.45 -37.28 10.55
N VAL D 12 -5.25 -36.92 9.55
CA VAL D 12 -6.31 -37.79 9.03
C VAL D 12 -6.42 -37.69 7.50
N GLN D 13 -7.06 -38.69 6.88
CA GLN D 13 -7.32 -38.65 5.45
C GLN D 13 -8.66 -37.97 5.18
N PRO D 14 -8.82 -37.36 3.99
CA PRO D 14 -10.12 -36.80 3.61
C PRO D 14 -11.23 -37.83 3.71
N GLY D 15 -12.43 -37.38 4.09
CA GLY D 15 -13.56 -38.25 4.29
C GLY D 15 -13.63 -38.74 5.73
N GLY D 16 -12.52 -38.57 6.46
CA GLY D 16 -12.43 -39.06 7.83
C GLY D 16 -13.21 -38.25 8.83
N SER D 17 -13.10 -38.66 10.10
CA SER D 17 -13.88 -38.07 11.17
C SER D 17 -13.03 -37.88 12.42
N LEU D 18 -13.18 -36.74 13.07
CA LEU D 18 -12.50 -36.46 14.33
C LEU D 18 -13.46 -35.90 15.36
N THR D 19 -13.13 -36.09 16.64
CA THR D 19 -13.89 -35.46 17.70
C THR D 19 -12.95 -34.61 18.56
N LEU D 20 -13.15 -33.30 18.51
CA LEU D 20 -12.35 -32.39 19.31
C LEU D 20 -13.02 -32.18 20.66
N SER D 21 -12.19 -32.01 21.69
CA SER D 21 -12.69 -31.72 23.02
C SER D 21 -11.95 -30.52 23.58
N CYS D 22 -12.62 -29.80 24.48
CA CYS D 22 -12.02 -28.67 25.14
C CYS D 22 -12.44 -28.63 26.60
N ALA D 23 -11.46 -28.75 27.49
CA ALA D 23 -11.74 -28.79 28.92
C ALA D 23 -11.54 -27.43 29.59
N ALA D 24 -12.54 -27.01 30.36
CA ALA D 24 -12.50 -25.71 31.02
C ALA D 24 -12.38 -25.84 32.54
N SER D 25 -11.67 -24.90 33.14
CA SER D 25 -11.48 -24.87 34.58
C SER D 25 -11.14 -23.46 35.04
N GLY D 26 -11.40 -23.16 36.31
CA GLY D 26 -11.01 -21.90 36.89
C GLY D 26 -12.03 -20.78 36.67
N PHE D 27 -13.16 -21.13 36.08
CA PHE D 27 -14.29 -20.22 35.94
C PHE D 27 -15.58 -21.04 35.85
N THR D 28 -16.72 -20.38 35.87
CA THR D 28 -17.98 -21.08 35.68
C THR D 28 -18.24 -21.29 34.20
N PHE D 29 -18.09 -22.54 33.76
CA PHE D 29 -18.24 -22.90 32.37
C PHE D 29 -19.62 -22.54 31.81
N SER D 30 -20.66 -22.85 32.57
CA SER D 30 -22.03 -22.62 32.11
C SER D 30 -22.42 -21.14 32.09
N SER D 31 -21.50 -20.26 32.46
CA SER D 31 -21.76 -18.82 32.41
C SER D 31 -21.51 -18.20 31.02
N TYR D 32 -20.86 -18.94 30.13
CA TYR D 32 -20.53 -18.41 28.81
C TYR D 32 -21.04 -19.24 27.63
N SER D 33 -21.41 -18.55 26.56
CA SER D 33 -21.50 -19.16 25.25
C SER D 33 -20.08 -19.55 24.82
N MET D 34 -19.97 -20.55 23.96
CA MET D 34 -18.65 -21.06 23.57
C MET D 34 -18.47 -21.13 22.05
N TYR D 35 -17.21 -21.12 21.61
CA TYR D 35 -16.86 -21.02 20.19
C TYR D 35 -15.77 -21.98 19.74
N TRP D 36 -15.87 -22.46 18.51
CA TRP D 36 -14.73 -23.05 17.84
C TRP D 36 -14.29 -22.13 16.71
N VAL D 37 -13.00 -21.81 16.70
CA VAL D 37 -12.42 -20.97 15.68
C VAL D 37 -11.17 -21.67 15.19
N ARG D 38 -10.78 -21.43 13.93
CA ARG D 38 -9.60 -22.09 13.39
C ARG D 38 -8.70 -21.13 12.62
N GLN D 39 -7.40 -21.35 12.68
CA GLN D 39 -6.45 -20.56 11.90
C GLN D 39 -5.55 -21.43 11.04
N ALA D 40 -5.67 -21.27 9.73
CA ALA D 40 -4.80 -21.93 8.76
C ALA D 40 -3.53 -21.10 8.54
N PRO D 41 -2.44 -21.74 8.05
CA PRO D 41 -1.20 -21.00 7.76
C PRO D 41 -1.40 -19.91 6.73
N GLY D 42 -0.98 -18.69 7.06
CA GLY D 42 -1.07 -17.57 6.14
C GLY D 42 -2.50 -17.10 5.89
N LYS D 43 -3.42 -17.53 6.76
CA LYS D 43 -4.80 -17.09 6.65
C LYS D 43 -5.25 -16.41 7.94
N GLY D 44 -6.36 -15.68 7.85
CA GLY D 44 -6.93 -15.05 9.01
C GLY D 44 -7.74 -16.03 9.85
N LEU D 45 -7.95 -15.68 11.11
CA LEU D 45 -8.78 -16.46 12.01
C LEU D 45 -10.17 -16.62 11.43
N GLU D 46 -10.72 -17.82 11.56
CA GLU D 46 -12.01 -18.13 10.96
C GLU D 46 -12.93 -18.78 11.99
N TRP D 47 -14.13 -18.20 12.16
N TRP D 47 -14.12 -18.21 12.19
CA TRP D 47 -15.12 -18.75 13.06
CA TRP D 47 -15.07 -18.78 13.12
C TRP D 47 -15.71 -20.04 12.47
C TRP D 47 -15.70 -20.02 12.50
N VAL D 48 -15.77 -21.08 13.29
CA VAL D 48 -16.24 -22.39 12.83
C VAL D 48 -17.62 -22.72 13.35
N SER D 49 -17.79 -22.61 14.67
CA SER D 49 -19.07 -22.97 15.28
C SER D 49 -19.27 -22.28 16.63
N SER D 50 -20.51 -22.16 17.05
CA SER D 50 -20.83 -21.51 18.31
C SER D 50 -22.01 -22.19 19.00
N ILE D 51 -22.09 -22.03 20.31
CA ILE D 51 -23.15 -22.64 21.10
C ILE D 51 -23.50 -21.74 22.28
N ASN D 52 -24.78 -21.66 22.64
CA ASN D 52 -25.14 -20.84 23.78
C ASN D 52 -24.84 -21.60 25.07
N ARG D 53 -25.20 -20.98 26.19
CA ARG D 53 -24.83 -21.48 27.50
C ARG D 53 -25.34 -22.88 27.80
N VAL D 54 -26.59 -23.15 27.46
CA VAL D 54 -27.20 -24.42 27.81
C VAL D 54 -27.15 -25.43 26.68
N GLY D 55 -26.80 -24.96 25.48
CA GLY D 55 -26.73 -25.83 24.33
C GLY D 55 -27.99 -25.89 23.49
N SER D 56 -28.96 -25.02 23.80
CA SER D 56 -30.25 -25.02 23.11
C SER D 56 -30.24 -24.22 21.80
N ASN D 57 -29.14 -23.55 21.52
CA ASN D 57 -28.98 -22.88 20.24
C ASN D 57 -27.53 -22.98 19.78
N THR D 58 -27.34 -23.20 18.49
CA THR D 58 -26.02 -23.45 17.92
C THR D 58 -25.94 -22.82 16.54
N ASP D 59 -24.72 -22.60 16.05
CA ASP D 59 -24.54 -22.06 14.72
C ASP D 59 -23.23 -22.54 14.11
N TYR D 60 -23.15 -22.47 12.78
CA TYR D 60 -22.01 -22.96 12.03
C TYR D 60 -21.67 -22.05 10.86
N ALA D 61 -20.37 -21.94 10.57
CA ALA D 61 -19.92 -21.34 9.33
C ALA D 61 -20.48 -22.14 8.16
N ASP D 62 -20.78 -21.47 7.06
CA ASP D 62 -21.39 -22.11 5.90
C ASP D 62 -20.53 -23.25 5.38
N SER D 63 -19.21 -23.10 5.50
CA SER D 63 -18.26 -24.08 4.98
C SER D 63 -18.27 -25.41 5.73
N VAL D 64 -18.82 -25.42 6.93
CA VAL D 64 -18.78 -26.65 7.73
C VAL D 64 -20.17 -27.12 8.15
N LYS D 65 -21.20 -26.36 7.76
CA LYS D 65 -22.58 -26.73 8.08
C LYS D 65 -22.95 -28.07 7.46
N GLY D 66 -23.61 -28.92 8.23
CA GLY D 66 -23.96 -30.25 7.77
C GLY D 66 -22.89 -31.30 8.04
N ARG D 67 -21.64 -30.86 8.25
CA ARG D 67 -20.55 -31.79 8.50
C ARG D 67 -20.10 -31.77 9.96
N PHE D 68 -20.17 -30.59 10.58
CA PHE D 68 -19.71 -30.43 11.96
C PHE D 68 -20.87 -30.38 12.95
N THR D 69 -20.61 -30.80 14.18
CA THR D 69 -21.60 -30.69 15.22
C THR D 69 -20.96 -30.25 16.53
N ILE D 70 -21.43 -29.13 17.08
CA ILE D 70 -20.92 -28.62 18.33
C ILE D 70 -21.85 -29.01 19.48
N SER D 71 -21.28 -29.30 20.64
CA SER D 71 -22.07 -29.62 21.82
C SER D 71 -21.26 -29.38 23.07
N ARG D 72 -21.92 -29.39 24.22
CA ARG D 72 -21.23 -29.17 25.49
C ARG D 72 -21.82 -30.00 26.63
N ASP D 73 -20.98 -30.35 27.59
CA ASP D 73 -21.42 -31.02 28.81
C ASP D 73 -21.09 -30.12 29.98
N ASN D 74 -22.07 -29.39 30.48
CA ASN D 74 -21.81 -28.42 31.53
C ASN D 74 -21.41 -29.09 32.84
N ALA D 75 -21.89 -30.31 33.05
CA ALA D 75 -21.48 -31.09 34.21
C ALA D 75 -20.00 -31.45 34.12
N LYS D 76 -19.57 -31.84 32.93
CA LYS D 76 -18.19 -32.24 32.70
C LYS D 76 -17.26 -31.07 32.36
N ASN D 77 -17.81 -29.85 32.33
CA ASN D 77 -17.05 -28.66 31.97
C ASN D 77 -16.27 -28.85 30.66
N THR D 78 -16.97 -29.35 29.64
CA THR D 78 -16.31 -29.76 28.41
C THR D 78 -17.09 -29.36 27.16
N LEU D 79 -16.36 -28.88 26.15
CA LEU D 79 -16.94 -28.50 24.88
C LEU D 79 -16.47 -29.45 23.78
N TYR D 80 -17.37 -29.83 22.88
CA TYR D 80 -17.05 -30.78 21.84
C TYR D 80 -17.26 -30.25 20.42
N LEU D 81 -16.42 -30.70 19.50
CA LEU D 81 -16.67 -30.46 18.09
C LEU D 81 -16.56 -31.78 17.34
N GLN D 82 -17.66 -32.24 16.78
CA GLN D 82 -17.66 -33.46 15.99
C GLN D 82 -17.51 -33.14 14.52
N MET D 83 -16.38 -33.53 13.94
CA MET D 83 -16.10 -33.20 12.55
C MET D 83 -16.23 -34.42 11.64
N ASN D 84 -17.16 -34.34 10.68
CA ASN D 84 -17.35 -35.42 9.72
C ASN D 84 -17.02 -35.01 8.29
N SER D 85 -16.77 -35.99 7.43
CA SER D 85 -16.46 -35.75 6.03
C SER D 85 -15.36 -34.70 5.87
N LEU D 86 -14.29 -34.87 6.63
CA LEU D 86 -13.18 -33.92 6.64
C LEU D 86 -12.58 -33.68 5.24
N LYS D 87 -12.29 -32.42 4.96
CA LYS D 87 -11.72 -31.99 3.69
C LYS D 87 -10.35 -31.36 3.89
N SER D 88 -9.56 -31.30 2.83
CA SER D 88 -8.24 -30.68 2.90
C SER D 88 -8.33 -29.22 3.35
N GLU D 89 -9.45 -28.57 3.02
CA GLU D 89 -9.69 -27.18 3.44
C GLU D 89 -9.90 -27.03 4.94
N ASP D 90 -10.07 -28.15 5.65
CA ASP D 90 -10.31 -28.08 7.08
C ASP D 90 -8.99 -28.11 7.86
N THR D 91 -7.88 -28.21 7.15
CA THR D 91 -6.57 -28.21 7.79
C THR D 91 -6.31 -26.87 8.46
N ALA D 92 -6.14 -26.89 9.78
CA ALA D 92 -5.91 -25.67 10.58
C ALA D 92 -5.59 -25.99 12.04
N LEU D 93 -5.20 -24.95 12.78
CA LEU D 93 -5.14 -25.02 14.22
C LEU D 93 -6.52 -24.63 14.77
N TYR D 94 -7.10 -25.48 15.62
CA TYR D 94 -8.46 -25.27 16.14
C TYR D 94 -8.49 -24.85 17.60
N TYR D 95 -9.14 -23.73 17.87
CA TYR D 95 -9.20 -23.18 19.22
C TYR D 95 -10.58 -23.24 19.82
N CYS D 96 -10.61 -23.37 21.13
CA CYS D 96 -11.81 -23.23 21.93
C CYS D 96 -11.76 -21.88 22.65
N ALA D 97 -12.88 -21.16 22.73
CA ALA D 97 -12.91 -19.84 23.36
C ALA D 97 -14.31 -19.39 23.76
N VAL D 98 -14.39 -18.40 24.64
CA VAL D 98 -15.68 -17.83 25.03
C VAL D 98 -16.11 -16.70 24.10
N GLY D 99 -15.22 -16.31 23.19
CA GLY D 99 -15.55 -15.36 22.14
C GLY D 99 -14.60 -15.56 20.96
N MET D 100 -15.05 -15.23 19.76
CA MET D 100 -14.26 -15.44 18.54
C MET D 100 -12.88 -14.80 18.62
N TYR D 101 -12.85 -13.60 19.19
CA TYR D 101 -11.62 -12.81 19.26
C TYR D 101 -11.06 -12.76 20.68
N ALA D 102 -11.42 -13.74 21.51
CA ALA D 102 -10.88 -13.83 22.86
C ALA D 102 -9.38 -14.17 22.82
N ALA D 103 -8.63 -13.58 23.73
CA ALA D 103 -7.21 -13.90 23.87
C ALA D 103 -6.98 -14.79 25.08
N PRO D 104 -5.87 -15.56 25.09
CA PRO D 104 -5.51 -16.34 26.27
C PRO D 104 -5.50 -15.43 27.50
N PRO D 105 -6.00 -15.90 28.64
CA PRO D 105 -6.40 -17.29 28.90
C PRO D 105 -7.80 -17.67 28.43
N TRP D 106 -8.52 -16.75 27.80
CA TRP D 106 -9.93 -16.99 27.49
C TRP D 106 -10.09 -17.69 26.15
N ARG D 107 -8.96 -18.06 25.58
CA ARG D 107 -8.86 -18.88 24.40
C ARG D 107 -7.74 -19.88 24.65
N GLY D 108 -7.94 -21.14 24.25
CA GLY D 108 -6.93 -22.15 24.46
C GLY D 108 -5.76 -22.07 23.50
N GLN D 109 -4.79 -22.96 23.68
CA GLN D 109 -3.60 -22.96 22.85
C GLN D 109 -3.85 -23.66 21.51
N GLY D 110 -4.95 -24.40 21.43
CA GLY D 110 -5.37 -24.99 20.17
C GLY D 110 -4.85 -26.39 19.93
N THR D 111 -5.49 -27.08 18.99
CA THR D 111 -5.09 -28.44 18.64
C THR D 111 -5.07 -28.58 17.12
N GLN D 112 -3.94 -29.07 16.60
CA GLN D 112 -3.73 -29.11 15.16
C GLN D 112 -4.51 -30.25 14.51
N VAL D 113 -5.24 -29.95 13.43
CA VAL D 113 -5.80 -31.03 12.63
C VAL D 113 -5.37 -30.86 11.18
N THR D 114 -4.83 -31.94 10.63
CA THR D 114 -4.35 -31.92 9.26
C THR D 114 -5.07 -32.99 8.45
N VAL D 115 -5.67 -32.56 7.34
CA VAL D 115 -6.34 -33.46 6.41
C VAL D 115 -5.57 -33.49 5.09
N SER D 116 -5.09 -34.67 4.71
CA SER D 116 -4.35 -34.79 3.46
C SER D 116 -4.31 -36.23 2.93
N SER D 117 -4.15 -36.35 1.61
CA SER D 117 -4.07 -37.63 0.90
C SER D 117 -5.36 -38.43 0.99
N ARG E 2 16.45 1.74 0.62
CA ARG E 2 16.91 2.04 -0.75
C ARG E 2 18.05 3.08 -0.65
N VAL E 3 19.18 2.78 -1.28
CA VAL E 3 20.35 3.68 -1.24
C VAL E 3 20.52 4.36 -2.61
N LYS E 4 21.02 5.60 -2.57
CA LYS E 4 21.28 6.41 -3.77
C LYS E 4 22.57 5.90 -4.38
N ARG F 2 -16.27 0.94 -2.41
CA ARG F 2 -16.68 2.27 -1.93
C ARG F 2 -17.78 2.83 -2.86
N VAL F 3 -18.92 3.25 -2.28
CA VAL F 3 -20.01 3.78 -3.13
C VAL F 3 -20.12 5.29 -2.98
N LYS F 4 -20.58 5.94 -4.07
CA LYS F 4 -20.81 7.38 -4.14
C LYS F 4 -22.10 7.70 -3.39
#